data_7ONI
#
_entry.id   7ONI
#
_cell.length_a   1.00
_cell.length_b   1.00
_cell.length_c   1.00
_cell.angle_alpha   90.00
_cell.angle_beta   90.00
_cell.angle_gamma   90.00
#
_symmetry.space_group_name_H-M   'P 1'
#
loop_
_entity.id
_entity.type
_entity.pdbx_description
1 polymer Cullin-5
2 polymer 'E3 ubiquitin-protein ligase ARIH2'
3 polymer 'RING-box protein 2'
4 polymer NEDD8
5 non-polymer 'ZINC ION'
#
loop_
_entity_poly.entity_id
_entity_poly.type
_entity_poly.pdbx_seq_one_letter_code
_entity_poly.pdbx_strand_id
1 'polypeptide(L)'
;MATSNLLKNKGSLQFEDKWDFMRPIVLKLLRQESVTKQQWFDLFSDVHAVCLWDDKGPAKIHQALKEDILEFIKQAQARV
LSHQDDTALLKAYIVEWRKFFTQCDILPKPFCQLEITLMGKQGSNKKSNVEDSIVRKLMLDTWNESIFSNIKNRLQDSAM
KLVHAERLGEAFDSQLVIGVRESYVNLCSNPEDKLQIYRDNFEKAYLDSTERFYRTQAPSYLQQNGVQNYMKYADAKLKE
EEKRALRYLETRRECNSVEALMECCVNALVTSFKETILAECQGMIKRNETEKLHLMFSLMDKVPNGIEPMLKDLEEHIIS
AGLADMVAAAETITTDSEKYVEQLLTLFNRFSKLVKEAFQDDPRFLTARDKAYKAVVNDATIFKLELPLKQKGVGLKTQP
ESKCPELLANYCDMLLRKTPLSKKLTSEEIEAKLKEVLLVLKYVQNKDVFMRYHKAHLTRRLILDISADSEIEENMVEWL
REVGMPADYVNKLARMFQDIKVSEDLNQAFKEMHKNNKLALPADSVNIKILNAGAWSRSSEKVFVSLPTELEDLIPEVEE
FYKKNHSGRKLHWHHLMSNGIITFKNEVGQYDLEVTTFQLAVLFAWNQRPREKISFENLKLATELPDAELRRTLWSLVAF
PKLKRQVLLYEPQVNSPKDFTEGTLFSVNQEFSLIKNAKVQKRGKINLIGRLQLTTERMREEENEGIVQLRILRTQEAII
QIMKMRKKISNAQLQTELVEILKNMFLPQKKMIKEQIEWLIEHKYIRRDESDINTFIYMA
;
C
2 'polypeptide(L)'
;GSMSVDMNSQGSDSNEEDYDPNCEEEEEEEEDDPGDIEDYYVGVASDVEQQGADAFDPEEYQFTCLTYKESEGALNEHMT
SLASVLKVSHSVAKLILVNFHWQVSEILDRYKSNSAQLLVEARVQPNPSKHVPTSHPPHHCAVCMQFVRKENLLSLACQH
QFCRSCWEQHCSVLVKDGVGVGVSCMAQDCPLRTPEDFVFPLLPNEELREKYRRYLFRDYVESHYQLQLCPGADCPMVIR
VQEPRARRVQCNRCNEVFCFKCRQMYHAPTDCATIRKWLTKCADDSETANYISAHTKDCPKCNICIEKNGGCNHMQCSKC
KHDFCWMCLGDWKTHGSEYYECSRYKENPDIVNQSQQAQAREALKKYLFYFERWENHNKSLQAAAQTYQRIHEKIQERVM
NNLGTWIDWQYLQNAAKLLAKCRYTLQYTYPYAYYMESGPRKKLFEYQQAQLEAEIANLSWKVERADSYDRGDLENQMHI
AEQRRRTLLKDFHDT
;
H
3 'polypeptide(L)'
;GSEDGEETCALASHSGSSGSKSGGDKMFSLKKWNAVAMWSWDVECDTCAICRVQVMDACLRCQAENKQEDCVVVWGECNH
SFHNCCMSLWVKQNNRCPLCQQDWVVQRIGK
;
R
4 'polypeptide(L)'
;GSMLIKVKTLTGKEIEIDIEPTDKVERIKERVEEKEGIPPQQQRLIYSGKQMNDEKTAADYKILGGSVLHLVLALRGGGG
LRQ
;
N
#
loop_
_chem_comp.id
_chem_comp.type
_chem_comp.name
_chem_comp.formula
ZN non-polymer 'ZINC ION' 'Zn 2'
#
# COMPACT_ATOMS: atom_id res chain seq x y z
N LYS A 152 64.90 21.26 48.90
CA LYS A 152 63.54 20.79 48.66
C LYS A 152 63.54 19.68 47.61
N ASN A 153 64.40 19.81 46.60
CA ASN A 153 64.49 18.80 45.57
C ASN A 153 65.10 17.50 46.09
N ARG A 154 65.92 17.59 47.14
CA ARG A 154 66.58 16.40 47.67
C ARG A 154 65.56 15.42 48.25
N LEU A 155 64.57 15.93 48.99
CA LEU A 155 63.61 15.04 49.64
C LEU A 155 62.68 14.38 48.64
N GLN A 156 62.20 15.13 47.65
CA GLN A 156 61.29 14.55 46.67
C GLN A 156 61.98 13.52 45.79
N ASP A 157 63.28 13.70 45.53
CA ASP A 157 64.02 12.71 44.75
C ASP A 157 64.09 11.37 45.48
N SER A 158 64.34 11.41 46.80
CA SER A 158 64.44 10.18 47.57
C SER A 158 63.08 9.51 47.79
N ALA A 159 61.99 10.27 47.68
CA ALA A 159 60.66 9.67 47.77
C ALA A 159 60.43 8.68 46.64
N MET A 160 60.91 9.02 45.43
CA MET A 160 60.73 8.13 44.29
C MET A 160 61.45 6.80 44.51
N LYS A 161 62.64 6.84 45.12
CA LYS A 161 63.35 5.61 45.42
C LYS A 161 62.54 4.72 46.36
N LEU A 162 61.92 5.32 47.38
CA LEU A 162 61.00 4.56 48.22
C LEU A 162 59.79 4.09 47.43
N VAL A 163 59.26 4.95 46.57
CA VAL A 163 58.12 4.56 45.74
C VAL A 163 58.52 3.43 44.79
N HIS A 164 59.70 3.54 44.17
CA HIS A 164 60.16 2.48 43.29
C HIS A 164 60.22 1.13 44.00
N ALA A 165 60.66 1.13 45.26
CA ALA A 165 60.70 -0.12 46.03
C ALA A 165 59.31 -0.66 46.27
N GLU A 166 58.36 0.22 46.61
CA GLU A 166 57.00 -0.24 46.91
C GLU A 166 56.27 -0.71 45.66
N ARG A 167 56.56 -0.11 44.50
CA ARG A 167 55.92 -0.55 43.27
C ARG A 167 56.24 -2.00 42.96
N LEU A 168 57.50 -2.40 43.15
CA LEU A 168 57.90 -3.79 42.95
C LEU A 168 57.46 -4.65 44.12
N GLY A 169 57.94 -4.32 45.31
CA GLY A 169 57.59 -5.07 46.51
C GLY A 169 58.58 -4.89 47.65
N SER A 174 55.49 5.29 54.72
CA SER A 174 54.25 5.99 54.39
C SER A 174 54.26 7.40 54.98
N GLN A 175 54.39 7.48 56.31
CA GLN A 175 54.48 8.78 56.96
C GLN A 175 55.68 9.57 56.46
N LEU A 176 56.74 8.89 56.03
CA LEU A 176 57.91 9.58 55.50
C LEU A 176 57.55 10.40 54.28
N VAL A 177 56.70 9.87 53.40
CA VAL A 177 56.26 10.61 52.23
C VAL A 177 55.16 11.61 52.61
N ILE A 178 54.28 11.23 53.55
CA ILE A 178 53.15 12.08 53.90
C ILE A 178 53.64 13.39 54.52
N GLY A 179 54.64 13.31 55.40
CA GLY A 179 55.16 14.52 56.02
C GLY A 179 55.79 15.46 55.01
N VAL A 180 56.53 14.92 54.04
CA VAL A 180 57.11 15.75 52.99
C VAL A 180 56.00 16.40 52.16
N ARG A 181 54.97 15.63 51.81
CA ARG A 181 53.86 16.18 51.04
C ARG A 181 53.21 17.33 51.78
N GLU A 182 52.95 17.14 53.08
CA GLU A 182 52.33 18.21 53.87
C GLU A 182 53.24 19.43 53.97
N SER A 183 54.55 19.19 54.16
CA SER A 183 55.49 20.29 54.29
C SER A 183 55.51 21.15 53.03
N TYR A 184 55.48 20.52 51.86
CA TYR A 184 55.48 21.30 50.63
C TYR A 184 54.08 21.83 50.31
N VAL A 185 53.04 21.20 50.83
CA VAL A 185 51.70 21.73 50.64
C VAL A 185 51.54 23.05 51.39
N ASN A 186 52.07 23.14 52.60
CA ASN A 186 51.89 24.31 53.45
C ASN A 186 53.10 25.25 53.48
N LEU A 187 54.19 24.91 52.79
CA LEU A 187 55.40 25.74 52.89
C LEU A 187 55.19 27.13 52.29
N CYS A 188 54.52 27.21 51.14
CA CYS A 188 54.27 28.50 50.51
C CYS A 188 53.14 29.22 51.22
N LYS A 194 46.99 28.24 46.73
CA LYS A 194 47.86 27.84 47.82
C LYS A 194 48.58 26.53 47.49
N LEU A 195 48.12 25.87 46.43
CA LEU A 195 48.72 24.62 45.96
C LEU A 195 49.44 24.79 44.64
N GLN A 196 49.83 26.02 44.29
CA GLN A 196 50.46 26.25 42.99
C GLN A 196 51.83 25.60 42.91
N ILE A 197 52.64 25.75 43.96
CA ILE A 197 53.97 25.15 43.97
C ILE A 197 53.89 23.63 43.97
N TYR A 198 52.86 23.08 44.61
CA TYR A 198 52.63 21.64 44.57
C TYR A 198 52.14 21.20 43.20
N ARG A 199 51.47 22.10 42.48
CA ARG A 199 50.97 21.79 41.15
C ARG A 199 52.09 21.86 40.12
N ASP A 200 53.13 22.66 40.39
CA ASP A 200 54.29 22.76 39.48
C ASP A 200 55.27 21.62 39.79
N ASN A 201 56.01 21.71 40.89
CA ASN A 201 56.95 20.63 41.31
C ASN A 201 56.14 19.50 41.96
N PHE A 202 56.77 18.36 42.28
CA PHE A 202 56.08 17.24 42.98
C PHE A 202 55.05 16.51 42.12
N GLU A 203 53.99 17.19 41.69
CA GLU A 203 52.90 16.55 40.91
C GLU A 203 53.48 16.04 39.58
N LYS A 204 54.13 16.92 38.81
CA LYS A 204 54.67 16.53 37.49
C LYS A 204 55.64 15.36 37.65
N ALA A 205 56.55 15.43 38.62
CA ALA A 205 57.54 14.36 38.85
C ALA A 205 56.87 13.03 39.13
N TYR A 206 55.80 13.04 39.94
CA TYR A 206 55.06 11.83 40.25
C TYR A 206 54.42 11.23 39.01
N LEU A 207 53.77 12.09 38.19
CA LEU A 207 53.19 11.60 36.95
C LEU A 207 54.26 11.06 36.01
N ASP A 208 55.40 11.74 35.93
CA ASP A 208 56.48 11.28 35.06
C ASP A 208 57.03 9.94 35.53
N SER A 209 57.21 9.76 36.83
CA SER A 209 57.69 8.50 37.35
C SER A 209 56.70 7.37 37.06
N THR A 210 55.41 7.62 37.28
CA THR A 210 54.41 6.61 36.98
C THR A 210 54.41 6.25 35.49
N GLU A 211 54.44 7.27 34.63
CA GLU A 211 54.39 7.03 33.20
C GLU A 211 55.62 6.26 32.73
N ARG A 212 56.80 6.66 33.19
CA ARG A 212 58.02 5.96 32.77
C ARG A 212 58.01 4.52 33.25
N PHE A 213 57.67 4.30 34.53
CA PHE A 213 57.67 2.95 35.07
C PHE A 213 56.70 2.05 34.32
N TYR A 214 55.49 2.55 34.06
CA TYR A 214 54.50 1.68 33.44
C TYR A 214 54.75 1.48 31.95
N ARG A 215 55.24 2.52 31.25
CA ARG A 215 55.62 2.35 29.87
C ARG A 215 56.78 1.36 29.73
N THR A 216 57.65 1.30 30.74
CA THR A 216 58.73 0.31 30.71
C THR A 216 58.23 -1.08 31.06
N GLN A 217 57.26 -1.19 31.95
CA GLN A 217 56.90 -2.49 32.52
C GLN A 217 55.78 -3.21 31.76
N ALA A 218 54.69 -2.51 31.46
CA ALA A 218 53.49 -3.17 30.95
C ALA A 218 53.72 -3.96 29.66
N PRO A 219 54.41 -3.42 28.64
CA PRO A 219 54.60 -4.24 27.41
C PRO A 219 55.28 -5.56 27.67
N SER A 220 56.24 -5.60 28.60
CA SER A 220 56.93 -6.86 28.90
C SER A 220 55.94 -7.91 29.39
N TYR A 221 55.05 -7.52 30.30
CA TYR A 221 54.02 -8.46 30.75
C TYR A 221 53.10 -8.85 29.60
N LEU A 222 52.79 -7.89 28.71
CA LEU A 222 51.92 -8.20 27.58
C LEU A 222 52.52 -9.29 26.71
N GLN A 223 53.80 -9.18 26.36
CA GLN A 223 54.40 -10.26 25.58
C GLN A 223 54.75 -11.48 26.41
N GLN A 224 54.72 -11.38 27.73
CA GLN A 224 54.97 -12.57 28.56
C GLN A 224 53.74 -13.46 28.66
N ASN A 225 52.59 -12.89 29.05
CA ASN A 225 51.42 -13.69 29.38
C ASN A 225 50.23 -13.52 28.45
N GLY A 226 50.35 -12.73 27.38
CA GLY A 226 49.25 -12.57 26.46
C GLY A 226 48.18 -11.64 26.98
N VAL A 227 47.19 -11.37 26.12
CA VAL A 227 46.18 -10.37 26.43
C VAL A 227 45.25 -10.85 27.54
N GLN A 228 44.95 -12.15 27.59
CA GLN A 228 43.98 -12.65 28.55
C GLN A 228 44.45 -12.40 29.99
N ASN A 229 45.75 -12.60 30.26
CA ASN A 229 46.28 -12.28 31.56
C ASN A 229 46.69 -10.82 31.68
N TYR A 230 47.03 -10.17 30.57
CA TYR A 230 47.44 -8.78 30.61
C TYR A 230 46.29 -7.88 31.04
N MET A 231 45.05 -8.21 30.62
CA MET A 231 43.90 -7.41 31.05
C MET A 231 43.72 -7.47 32.56
N LYS A 232 43.81 -8.67 33.13
CA LYS A 232 43.69 -8.81 34.57
C LYS A 232 44.83 -8.09 35.29
N TYR A 233 46.04 -8.19 34.76
CA TYR A 233 47.17 -7.47 35.35
C TYR A 233 46.94 -5.96 35.31
N ALA A 234 46.39 -5.46 34.20
CA ALA A 234 46.13 -4.02 34.09
C ALA A 234 45.07 -3.59 35.10
N ASP A 235 44.02 -4.39 35.27
CA ASP A 235 42.99 -4.05 36.25
C ASP A 235 43.58 -4.01 37.66
N ALA A 236 44.38 -5.02 38.02
CA ALA A 236 45.00 -5.04 39.34
C ALA A 236 45.94 -3.86 39.54
N LYS A 237 46.73 -3.53 38.51
CA LYS A 237 47.65 -2.40 38.61
C LYS A 237 46.88 -1.09 38.77
N LEU A 238 45.77 -0.94 38.05
CA LEU A 238 44.96 0.26 38.19
C LEU A 238 44.41 0.40 39.60
N LYS A 239 43.90 -0.69 40.17
CA LYS A 239 43.39 -0.62 41.54
C LYS A 239 44.48 -0.29 42.53
N GLU A 240 45.66 -0.91 42.38
CA GLU A 240 46.76 -0.63 43.30
C GLU A 240 47.22 0.80 43.19
N GLU A 241 47.30 1.34 41.96
CA GLU A 241 47.71 2.72 41.77
C GLU A 241 46.68 3.69 42.34
N GLU A 242 45.39 3.36 42.21
CA GLU A 242 44.37 4.22 42.81
C GLU A 242 44.50 4.25 44.33
N LYS A 243 44.70 3.08 44.95
CA LYS A 243 44.90 3.05 46.39
C LYS A 243 46.14 3.84 46.80
N ARG A 244 47.24 3.68 46.07
CA ARG A 244 48.46 4.42 46.37
C ARG A 244 48.24 5.91 46.23
N ALA A 245 47.50 6.34 45.20
CA ALA A 245 47.20 7.75 45.02
C ALA A 245 46.39 8.29 46.19
N LEU A 246 45.33 7.59 46.57
CA LEU A 246 44.49 8.05 47.66
C LEU A 246 45.23 8.05 49.00
N ARG A 247 46.25 7.22 49.15
CA ARG A 247 47.00 7.19 50.40
C ARG A 247 48.22 8.10 50.41
N TYR A 248 48.73 8.54 49.26
CA TYR A 248 49.95 9.31 49.20
C TYR A 248 49.79 10.70 48.58
N LEU A 249 48.60 11.08 48.15
CA LEU A 249 48.41 12.34 47.43
C LEU A 249 47.35 13.18 48.11
N GLU A 250 47.50 14.50 47.98
CA GLU A 250 46.55 15.44 48.57
C GLU A 250 45.22 15.38 47.81
N THR A 251 44.17 14.99 48.52
CA THR A 251 42.85 14.87 47.90
C THR A 251 41.80 15.60 48.74
N ARG A 252 42.08 15.78 50.04
CA ARG A 252 41.13 16.41 50.94
C ARG A 252 41.14 17.93 50.85
N ARG A 253 42.08 18.52 50.13
CA ARG A 253 42.16 19.97 49.98
C ARG A 253 41.61 20.44 48.64
N GLU A 254 40.64 19.71 48.08
CA GLU A 254 40.04 20.03 46.79
C GLU A 254 41.10 20.09 45.69
N CYS A 255 41.84 19.00 45.54
CA CYS A 255 42.92 18.90 44.56
C CYS A 255 42.55 17.87 43.49
N ASN A 256 42.81 18.22 42.23
CA ASN A 256 42.55 17.34 41.11
C ASN A 256 43.70 16.36 40.85
N SER A 257 44.58 16.16 41.84
CA SER A 257 45.72 15.27 41.65
C SER A 257 45.28 13.84 41.39
N VAL A 258 44.26 13.38 42.12
CA VAL A 258 43.78 12.01 41.95
C VAL A 258 43.23 11.80 40.54
N GLU A 259 42.41 12.76 40.07
CA GLU A 259 41.86 12.65 38.73
C GLU A 259 42.95 12.69 37.66
N ALA A 260 43.93 13.60 37.83
CA ALA A 260 45.00 13.69 36.85
C ALA A 260 45.82 12.41 36.81
N LEU A 261 46.15 11.85 37.97
CA LEU A 261 46.93 10.62 38.01
C LEU A 261 46.14 9.45 37.42
N MET A 262 44.84 9.38 37.69
CA MET A 262 44.02 8.32 37.10
C MET A 262 43.98 8.46 35.58
N GLU A 263 43.85 9.69 35.08
CA GLU A 263 43.86 9.88 33.63
C GLU A 263 45.20 9.45 33.03
N CYS A 264 46.30 9.83 33.66
CA CYS A 264 47.61 9.43 33.15
C CYS A 264 47.78 7.92 33.18
N CYS A 265 47.35 7.27 34.27
CA CYS A 265 47.51 5.82 34.39
C CYS A 265 46.66 5.07 33.37
N VAL A 266 45.41 5.52 33.17
CA VAL A 266 44.56 4.83 32.18
C VAL A 266 45.10 5.07 30.78
N ASN A 267 45.63 6.27 30.51
CA ASN A 267 46.22 6.53 29.20
C ASN A 267 47.47 5.68 28.97
N ALA A 268 48.24 5.42 30.03
CA ALA A 268 49.46 4.63 29.90
C ALA A 268 49.21 3.13 29.90
N LEU A 269 48.09 2.66 30.44
CA LEU A 269 47.85 1.24 30.57
C LEU A 269 46.72 0.69 29.71
N VAL A 270 45.90 1.53 29.07
CA VAL A 270 44.81 1.02 28.26
C VAL A 270 44.90 1.57 26.84
N THR A 271 45.01 2.89 26.71
CA THR A 271 45.07 3.50 25.40
C THR A 271 46.26 3.01 24.59
N SER A 272 47.37 2.71 25.27
CA SER A 272 48.58 2.31 24.57
C SER A 272 48.43 0.97 23.86
N PHE A 273 47.48 0.13 24.27
CA PHE A 273 47.34 -1.20 23.70
C PHE A 273 45.88 -1.55 23.48
N LYS A 274 45.10 -0.61 22.95
CA LYS A 274 43.67 -0.86 22.78
C LYS A 274 43.37 -1.75 21.59
N GLU A 275 44.13 -1.64 20.50
CA GLU A 275 43.85 -2.43 19.31
C GLU A 275 44.08 -3.92 19.57
N THR A 276 45.13 -4.24 20.33
CA THR A 276 45.44 -5.63 20.63
C THR A 276 44.33 -6.28 21.44
N ILE A 277 43.62 -5.50 22.26
CA ILE A 277 42.50 -6.02 23.03
C ILE A 277 41.23 -6.05 22.17
N LEU A 278 41.08 -5.10 21.25
CA LEU A 278 39.88 -5.07 20.41
C LEU A 278 39.87 -6.23 19.41
N ALA A 279 41.04 -6.67 18.96
CA ALA A 279 41.08 -7.87 18.13
C ALA A 279 40.55 -9.07 18.90
N GLU A 280 40.98 -9.24 20.16
CA GLU A 280 40.43 -10.29 20.99
C GLU A 280 38.94 -10.09 21.21
N CYS A 281 38.50 -8.83 21.26
CA CYS A 281 37.07 -8.54 21.35
C CYS A 281 36.32 -9.15 20.19
N GLN A 282 36.78 -8.87 18.96
CA GLN A 282 36.16 -9.49 17.80
C GLN A 282 36.23 -11.01 17.87
N GLY A 283 37.30 -11.55 18.47
CA GLY A 283 37.42 -12.99 18.57
C GLY A 283 36.42 -13.63 19.53
N MET A 284 36.28 -13.07 20.73
CA MET A 284 35.68 -13.79 21.85
C MET A 284 34.18 -13.52 22.04
N ILE A 285 33.55 -12.76 21.15
CA ILE A 285 32.11 -12.52 21.30
C ILE A 285 31.35 -13.85 21.28
N LYS A 286 31.74 -14.75 20.38
CA LYS A 286 31.17 -16.09 20.36
C LYS A 286 31.76 -16.92 21.50
N ARG A 287 31.34 -18.19 21.56
CA ARG A 287 31.84 -19.19 22.50
C ARG A 287 31.73 -18.76 23.96
N ASN A 288 30.94 -17.70 24.23
CA ASN A 288 30.50 -17.35 25.58
C ASN A 288 31.69 -17.10 26.53
N GLU A 289 32.40 -16.02 26.24
CA GLU A 289 33.53 -15.56 27.06
C GLU A 289 33.13 -14.42 27.98
N THR A 290 31.93 -14.48 28.55
CA THR A 290 31.38 -13.36 29.31
C THR A 290 32.24 -12.99 30.50
N GLU A 291 32.88 -13.97 31.16
CA GLU A 291 33.63 -13.68 32.37
C GLU A 291 34.79 -12.73 32.11
N LYS A 292 35.40 -12.79 30.92
CA LYS A 292 36.42 -11.82 30.55
C LYS A 292 35.88 -10.68 29.72
N LEU A 293 34.72 -10.86 29.08
CA LEU A 293 34.07 -9.74 28.39
C LEU A 293 33.71 -8.65 29.38
N HIS A 294 33.23 -9.03 30.57
CA HIS A 294 32.93 -8.03 31.60
C HIS A 294 34.19 -7.26 32.01
N LEU A 295 35.30 -7.97 32.20
CA LEU A 295 36.54 -7.31 32.59
C LEU A 295 37.01 -6.36 31.50
N MET A 296 36.91 -6.79 30.24
CA MET A 296 37.27 -5.92 29.12
C MET A 296 36.40 -4.67 29.05
N PHE A 297 35.08 -4.84 29.22
CA PHE A 297 34.19 -3.69 29.20
C PHE A 297 34.49 -2.73 30.34
N SER A 298 34.82 -3.28 31.50
CA SER A 298 35.25 -2.43 32.61
C SER A 298 36.52 -1.66 32.25
N LEU A 299 37.46 -2.32 31.56
CA LEU A 299 38.70 -1.65 31.19
C LEU A 299 38.48 -0.54 30.18
N MET A 300 37.74 -0.82 29.11
CA MET A 300 37.64 0.09 27.98
C MET A 300 36.71 1.27 28.24
N ASP A 301 35.85 1.20 29.26
CA ASP A 301 34.95 2.30 29.54
C ASP A 301 35.69 3.53 30.04
N LYS A 302 36.79 3.32 30.79
CA LYS A 302 37.54 4.45 31.32
C LYS A 302 38.11 5.32 30.22
N VAL A 303 38.59 4.69 29.15
CA VAL A 303 39.15 5.45 28.03
C VAL A 303 38.01 6.14 27.28
N PRO A 304 38.06 7.46 27.09
CA PRO A 304 37.02 8.14 26.32
C PRO A 304 37.01 7.66 24.88
N ASN A 305 35.80 7.48 24.34
CA ASN A 305 35.60 7.08 22.95
C ASN A 305 36.34 5.78 22.65
N GLY A 306 36.01 4.73 23.41
CA GLY A 306 36.71 3.48 23.27
C GLY A 306 35.82 2.26 23.07
N ILE A 307 34.52 2.39 23.38
CA ILE A 307 33.62 1.25 23.35
C ILE A 307 32.86 1.13 22.04
N GLU A 308 33.00 2.08 21.13
CA GLU A 308 32.28 1.99 19.86
C GLU A 308 32.67 0.77 19.02
N PRO A 309 33.94 0.36 18.91
CA PRO A 309 34.20 -0.88 18.15
C PRO A 309 33.55 -2.10 18.78
N MET A 310 33.43 -2.13 20.10
CA MET A 310 32.71 -3.22 20.75
C MET A 310 31.26 -3.26 20.31
N LEU A 311 30.61 -2.08 20.26
CA LEU A 311 29.22 -2.03 19.81
C LEU A 311 29.10 -2.48 18.35
N LYS A 312 30.02 -2.02 17.50
CA LYS A 312 29.98 -2.41 16.09
C LYS A 312 30.15 -3.92 15.94
N ASP A 313 31.11 -4.51 16.66
CA ASP A 313 31.34 -5.94 16.57
C ASP A 313 30.16 -6.73 17.10
N LEU A 314 29.55 -6.26 18.19
CA LEU A 314 28.37 -6.95 18.71
C LEU A 314 27.22 -6.91 17.72
N GLU A 315 26.99 -5.75 17.10
CA GLU A 315 25.93 -5.65 16.10
C GLU A 315 26.19 -6.57 14.92
N GLU A 316 27.43 -6.59 14.43
CA GLU A 316 27.76 -7.44 13.29
C GLU A 316 27.60 -8.92 13.63
N HIS A 317 28.06 -9.32 14.82
CA HIS A 317 27.92 -10.72 15.22
C HIS A 317 26.46 -11.10 15.36
N ILE A 318 25.65 -10.23 15.95
CA ILE A 318 24.22 -10.53 16.10
C ILE A 318 23.57 -10.71 14.74
N ILE A 319 23.85 -9.79 13.82
CA ILE A 319 23.25 -9.87 12.49
C ILE A 319 23.67 -11.16 11.78
N SER A 320 24.97 -11.44 11.80
CA SER A 320 25.47 -12.62 11.09
C SER A 320 24.92 -13.90 11.67
N ALA A 321 24.94 -14.03 13.01
CA ALA A 321 24.43 -15.24 13.65
C ALA A 321 22.93 -15.42 13.39
N GLY A 322 22.16 -14.32 13.48
CA GLY A 322 20.74 -14.43 13.23
C GLY A 322 20.43 -14.86 11.80
N LEU A 323 21.09 -14.23 10.83
CA LEU A 323 20.86 -14.61 9.44
C LEU A 323 21.27 -16.04 9.17
N ALA A 324 22.41 -16.47 9.73
CA ALA A 324 22.87 -17.84 9.52
C ALA A 324 21.89 -18.84 10.11
N ASP A 325 21.40 -18.57 11.32
CA ASP A 325 20.43 -19.48 11.94
C ASP A 325 19.13 -19.54 11.15
N MET A 326 18.66 -18.37 10.68
CA MET A 326 17.44 -18.35 9.88
C MET A 326 17.60 -19.15 8.61
N VAL A 327 18.75 -18.99 7.93
CA VAL A 327 18.98 -19.74 6.70
C VAL A 327 19.09 -21.23 6.98
N ALA A 328 19.79 -21.60 8.05
CA ALA A 328 19.97 -23.02 8.35
C ALA A 328 18.67 -23.69 8.76
N ALA A 329 17.76 -22.97 9.40
CA ALA A 329 16.51 -23.54 9.86
C ALA A 329 15.33 -23.18 8.96
N ALA A 330 15.60 -22.70 7.75
CA ALA A 330 14.54 -22.21 6.87
C ALA A 330 13.68 -23.31 6.26
N GLU A 331 13.91 -24.58 6.61
CA GLU A 331 13.13 -25.65 6.01
C GLU A 331 11.73 -25.72 6.60
N THR A 332 11.62 -25.75 7.92
CA THR A 332 10.34 -25.86 8.61
C THR A 332 9.85 -24.54 9.16
N ILE A 333 10.47 -23.42 8.76
CA ILE A 333 10.13 -22.11 9.28
C ILE A 333 9.27 -21.31 8.30
N THR A 334 9.58 -21.37 7.01
CA THR A 334 8.89 -20.54 6.04
C THR A 334 7.40 -20.88 5.98
N THR A 335 7.06 -22.16 5.99
CA THR A 335 5.68 -22.60 5.85
C THR A 335 4.95 -22.75 7.18
N ASP A 336 5.64 -22.62 8.31
CA ASP A 336 5.04 -22.78 9.62
C ASP A 336 5.20 -21.49 10.43
N SER A 337 4.12 -21.05 11.06
CA SER A 337 4.14 -19.82 11.84
C SER A 337 4.57 -20.03 13.28
N GLU A 338 4.32 -21.21 13.85
CA GLU A 338 4.78 -21.50 15.20
C GLU A 338 6.30 -21.48 15.28
N LYS A 339 6.96 -22.18 14.34
CA LYS A 339 8.42 -22.29 14.39
C LYS A 339 9.08 -20.93 14.14
N TYR A 340 8.50 -20.11 13.27
CA TYR A 340 9.06 -18.78 13.03
C TYR A 340 9.09 -17.96 14.31
N VAL A 341 7.95 -17.92 15.02
CA VAL A 341 7.87 -17.14 16.26
C VAL A 341 8.79 -17.74 17.33
N GLU A 342 8.82 -19.07 17.42
CA GLU A 342 9.69 -19.71 18.40
C GLU A 342 11.16 -19.37 18.14
N GLN A 343 11.59 -19.41 16.88
CA GLN A 343 12.97 -19.09 16.56
C GLN A 343 13.28 -17.63 16.88
N LEU A 344 12.36 -16.73 16.53
CA LEU A 344 12.59 -15.32 16.82
C LEU A 344 12.70 -15.07 18.32
N LEU A 345 11.80 -15.67 19.11
CA LEU A 345 11.84 -15.50 20.56
C LEU A 345 13.11 -16.09 21.15
N THR A 346 13.52 -17.27 20.67
CA THR A 346 14.74 -17.89 21.18
C THR A 346 15.96 -17.03 20.90
N LEU A 347 16.05 -16.49 19.68
CA LEU A 347 17.17 -15.62 19.35
C LEU A 347 17.19 -14.37 20.21
N PHE A 348 16.02 -13.73 20.37
CA PHE A 348 15.96 -12.52 21.18
C PHE A 348 16.34 -12.79 22.62
N ASN A 349 15.84 -13.88 23.19
CA ASN A 349 16.14 -14.20 24.58
C ASN A 349 17.63 -14.51 24.76
N ARG A 350 18.21 -15.28 23.82
CA ARG A 350 19.62 -15.63 23.92
C ARG A 350 20.49 -14.38 23.88
N PHE A 351 20.23 -13.48 22.93
CA PHE A 351 21.07 -12.30 22.83
C PHE A 351 20.82 -11.33 23.98
N SER A 352 19.60 -11.24 24.48
CA SER A 352 19.33 -10.41 25.65
C SER A 352 20.08 -10.93 26.87
N LYS A 353 20.09 -12.25 27.07
CA LYS A 353 20.85 -12.82 28.18
C LYS A 353 22.34 -12.56 28.01
N LEU A 354 22.85 -12.68 26.78
CA LEU A 354 24.25 -12.38 26.53
C LEU A 354 24.59 -10.95 26.93
N VAL A 355 23.76 -10.00 26.50
CA VAL A 355 24.02 -8.60 26.81
C VAL A 355 23.97 -8.37 28.32
N LYS A 356 22.94 -8.92 28.97
CA LYS A 356 22.79 -8.71 30.41
C LYS A 356 23.96 -9.28 31.19
N GLU A 357 24.43 -10.48 30.81
CA GLU A 357 25.53 -11.09 31.55
C GLU A 357 26.84 -10.38 31.28
N ALA A 358 27.12 -10.03 30.01
CA ALA A 358 28.43 -9.49 29.68
C ALA A 358 28.59 -8.04 30.09
N PHE A 359 27.54 -7.22 29.92
CA PHE A 359 27.68 -5.77 30.10
C PHE A 359 26.63 -5.21 31.05
N GLN A 360 26.10 -6.04 31.95
CA GLN A 360 25.15 -5.65 32.98
C GLN A 360 24.09 -4.67 32.50
N ASP A 361 23.57 -4.89 31.29
CA ASP A 361 22.46 -4.10 30.73
C ASP A 361 22.82 -2.62 30.60
N ASP A 362 23.94 -2.35 29.94
CA ASP A 362 24.30 -0.97 29.63
C ASP A 362 23.35 -0.42 28.56
N PRO A 363 22.92 0.83 28.68
CA PRO A 363 21.98 1.38 27.68
C PRO A 363 22.53 1.37 26.26
N ARG A 364 23.84 1.63 26.09
CA ARG A 364 24.42 1.62 24.75
C ARG A 364 24.33 0.24 24.12
N PHE A 365 24.63 -0.80 24.88
CA PHE A 365 24.57 -2.15 24.35
C PHE A 365 23.12 -2.57 24.07
N LEU A 366 22.18 -2.11 24.88
CA LEU A 366 20.77 -2.36 24.59
C LEU A 366 20.35 -1.68 23.29
N THR A 367 20.84 -0.45 23.07
CA THR A 367 20.56 0.23 21.81
C THR A 367 21.13 -0.55 20.62
N ALA A 368 22.37 -1.04 20.76
CA ALA A 368 22.97 -1.82 19.70
C ALA A 368 22.19 -3.10 19.43
N ARG A 369 21.74 -3.77 20.51
CA ARG A 369 20.94 -4.98 20.34
C ARG A 369 19.64 -4.69 19.61
N ASP A 370 18.96 -3.59 19.98
CA ASP A 370 17.72 -3.23 19.31
C ASP A 370 17.95 -2.95 17.84
N LYS A 371 19.00 -2.18 17.54
CA LYS A 371 19.27 -1.82 16.15
C LYS A 371 19.62 -3.05 15.31
N ALA A 372 20.32 -4.02 15.92
CA ALA A 372 20.66 -5.24 15.20
C ALA A 372 19.43 -6.12 14.99
N TYR A 373 18.60 -6.28 16.02
CA TYR A 373 17.40 -7.11 15.89
C TYR A 373 16.43 -6.52 14.88
N LYS A 374 16.40 -5.19 14.76
CA LYS A 374 15.53 -4.56 13.77
C LYS A 374 15.91 -5.00 12.36
N ALA A 375 17.21 -5.05 12.06
CA ALA A 375 17.64 -5.55 10.77
C ALA A 375 17.44 -7.06 10.64
N VAL A 376 17.58 -7.79 11.74
CA VAL A 376 17.43 -9.24 11.69
C VAL A 376 15.99 -9.63 11.30
N VAL A 377 15.00 -8.98 11.92
CA VAL A 377 13.62 -9.37 11.67
C VAL A 377 13.21 -9.04 10.23
N ASN A 378 13.70 -7.91 9.70
CA ASN A 378 13.37 -7.50 8.34
C ASN A 378 14.45 -7.99 7.39
N ASP A 379 14.31 -9.25 6.99
CA ASP A 379 15.26 -9.90 6.10
C ASP A 379 14.54 -10.46 4.88
N ALA A 380 15.15 -10.27 3.71
CA ALA A 380 14.60 -10.77 2.46
C ALA A 380 15.26 -12.10 2.09
N THR A 381 14.93 -13.13 2.89
CA THR A 381 15.44 -14.47 2.61
C THR A 381 14.35 -15.51 2.88
N ILE A 382 13.09 -15.08 3.00
CA ILE A 382 11.99 -16.00 3.28
C ILE A 382 11.51 -16.68 2.00
N PHE A 383 11.15 -15.93 0.98
CA PHE A 383 10.81 -16.53 -0.31
C PHE A 383 12.00 -16.53 -1.26
N LYS A 384 13.15 -16.99 -0.75
CA LYS A 384 14.40 -17.05 -1.50
C LYS A 384 14.69 -15.76 -2.25
N LEU A 385 14.28 -14.62 -1.70
CA LEU A 385 14.41 -13.34 -2.38
C LEU A 385 14.44 -12.18 -1.40
N GLU A 401 9.39 -11.80 -0.71
CA GLU A 401 8.72 -10.55 -0.37
C GLU A 401 8.40 -10.48 1.12
N SER A 402 7.50 -9.58 1.50
CA SER A 402 7.15 -9.36 2.89
C SER A 402 6.10 -10.38 3.31
N LYS A 403 6.54 -11.42 4.03
CA LYS A 403 5.64 -12.45 4.54
C LYS A 403 5.66 -12.56 6.05
N CYS A 404 6.61 -11.92 6.73
CA CYS A 404 6.65 -11.94 8.19
C CYS A 404 5.36 -11.45 8.84
N PRO A 405 4.78 -10.30 8.44
CA PRO A 405 3.52 -9.90 9.06
C PRO A 405 2.40 -10.91 8.90
N GLU A 406 2.34 -11.60 7.76
CA GLU A 406 1.31 -12.62 7.57
C GLU A 406 1.47 -13.75 8.58
N LEU A 407 2.70 -14.20 8.80
CA LEU A 407 2.93 -15.28 9.77
C LEU A 407 2.61 -14.82 11.18
N LEU A 408 2.97 -13.59 11.53
CA LEU A 408 2.64 -13.08 12.87
C LEU A 408 1.13 -13.00 13.06
N ALA A 409 0.41 -12.52 12.04
CA ALA A 409 -1.04 -12.44 12.13
C ALA A 409 -1.66 -13.82 12.24
N ASN A 410 -1.12 -14.80 11.51
CA ASN A 410 -1.63 -16.16 11.61
C ASN A 410 -1.42 -16.73 13.01
N TYR A 411 -0.26 -16.45 13.61
CA TYR A 411 -0.03 -16.90 14.98
C TYR A 411 -1.01 -16.24 15.95
N CYS A 412 -1.25 -14.94 15.77
CA CYS A 412 -2.22 -14.26 16.62
C CYS A 412 -3.61 -14.87 16.45
N ASP A 413 -3.98 -15.21 15.22
CA ASP A 413 -5.27 -15.85 14.98
C ASP A 413 -5.37 -17.19 15.67
N MET A 414 -4.30 -17.99 15.60
CA MET A 414 -4.31 -19.28 16.30
C MET A 414 -4.46 -19.10 17.79
N LEU A 415 -3.77 -18.11 18.36
CA LEU A 415 -3.89 -17.88 19.79
C LEU A 415 -5.28 -17.39 20.16
N LEU A 416 -5.93 -16.63 19.28
CA LEU A 416 -7.21 -16.01 19.62
C LEU A 416 -8.42 -16.83 19.17
N ARG A 417 -8.31 -17.59 18.09
CA ARG A 417 -9.43 -18.40 17.62
C ARG A 417 -9.62 -19.62 18.52
N LYS A 418 -10.69 -20.36 18.25
CA LYS A 418 -10.99 -21.57 19.01
C LYS A 418 -10.32 -22.81 18.41
N THR A 419 -9.01 -22.70 18.19
CA THR A 419 -8.22 -23.79 17.66
C THR A 419 -7.86 -24.77 18.77
N PRO A 420 -7.52 -26.02 18.43
CA PRO A 420 -7.06 -26.96 19.46
C PRO A 420 -5.84 -26.48 20.22
N LEU A 421 -4.98 -25.67 19.60
CA LEU A 421 -3.80 -25.16 20.30
C LEU A 421 -4.20 -24.32 21.51
N SER A 422 -5.21 -23.47 21.35
CA SER A 422 -5.67 -22.62 22.45
C SER A 422 -6.68 -23.32 23.35
N LYS A 423 -7.09 -24.54 23.01
CA LYS A 423 -8.06 -25.25 23.84
C LYS A 423 -7.46 -25.64 25.18
N LYS A 424 -6.19 -26.05 25.19
CA LYS A 424 -5.55 -26.52 26.41
C LYS A 424 -4.92 -25.40 27.23
N LEU A 425 -4.54 -24.29 26.60
CA LEU A 425 -3.89 -23.21 27.33
C LEU A 425 -4.90 -22.46 28.19
N THR A 426 -4.39 -21.85 29.27
CA THR A 426 -5.20 -21.01 30.13
C THR A 426 -5.15 -19.56 29.67
N SER A 427 -6.05 -18.75 30.22
CA SER A 427 -6.15 -17.36 29.79
C SER A 427 -4.86 -16.60 30.05
N GLU A 428 -4.25 -16.80 31.22
CA GLU A 428 -3.01 -16.10 31.55
C GLU A 428 -1.88 -16.48 30.60
N GLU A 429 -1.77 -17.78 30.28
CA GLU A 429 -0.74 -18.22 29.35
C GLU A 429 -0.95 -17.62 27.97
N ILE A 430 -2.21 -17.56 27.51
CA ILE A 430 -2.50 -16.95 26.23
C ILE A 430 -2.13 -15.48 26.24
N GLU A 431 -2.43 -14.78 27.33
CA GLU A 431 -2.07 -13.37 27.44
C GLU A 431 -0.57 -13.18 27.41
N ALA A 432 0.18 -14.06 28.08
CA ALA A 432 1.64 -13.97 28.06
C ALA A 432 2.19 -14.22 26.66
N LYS A 433 1.65 -15.21 25.96
CA LYS A 433 2.08 -15.46 24.59
C LYS A 433 1.80 -14.27 23.70
N LEU A 434 0.61 -13.67 23.85
CA LEU A 434 0.28 -12.48 23.08
C LEU A 434 1.23 -11.33 23.39
N LYS A 435 1.60 -11.17 24.67
CA LYS A 435 2.53 -10.11 25.03
C LYS A 435 3.90 -10.33 24.40
N GLU A 436 4.35 -11.59 24.37
CA GLU A 436 5.61 -11.88 23.67
C GLU A 436 5.50 -11.57 22.17
N VAL A 437 4.36 -11.93 21.56
CA VAL A 437 4.16 -11.65 20.15
C VAL A 437 4.21 -10.15 19.88
N LEU A 438 3.57 -9.37 20.75
CA LEU A 438 3.61 -7.91 20.58
C LEU A 438 4.99 -7.34 20.83
N LEU A 439 5.75 -7.95 21.74
CA LEU A 439 7.14 -7.52 21.94
C LEU A 439 7.94 -7.72 20.66
N VAL A 440 7.76 -8.86 20.00
CA VAL A 440 8.42 -9.08 18.72
C VAL A 440 7.89 -8.10 17.67
N LEU A 441 6.59 -7.82 17.72
CA LEU A 441 5.90 -7.00 16.73
C LEU A 441 6.37 -5.55 16.73
N LYS A 442 7.06 -5.12 17.79
CA LYS A 442 7.53 -3.75 17.90
C LYS A 442 8.65 -3.43 16.92
N TYR A 443 9.23 -4.45 16.27
CA TYR A 443 10.38 -4.26 15.40
C TYR A 443 10.06 -4.35 13.91
N VAL A 444 8.87 -4.82 13.53
CA VAL A 444 8.52 -4.91 12.12
C VAL A 444 8.42 -3.50 11.54
N GLN A 445 8.62 -3.40 10.23
CA GLN A 445 8.67 -2.09 9.57
C GLN A 445 7.34 -1.71 8.93
N ASN A 446 6.71 -2.63 8.21
CA ASN A 446 5.42 -2.37 7.56
C ASN A 446 4.31 -2.94 8.42
N LYS A 447 3.87 -2.16 9.41
CA LYS A 447 2.81 -2.61 10.30
C LYS A 447 1.43 -2.57 9.66
N ASP A 448 1.27 -1.83 8.56
CA ASP A 448 -0.02 -1.75 7.90
C ASP A 448 -0.44 -3.10 7.31
N VAL A 449 0.52 -3.86 6.78
CA VAL A 449 0.20 -5.18 6.25
C VAL A 449 -0.29 -6.09 7.38
N PHE A 450 0.38 -6.07 8.52
CA PHE A 450 -0.07 -6.85 9.66
C PHE A 450 -1.47 -6.42 10.10
N MET A 451 -1.73 -5.11 10.11
CA MET A 451 -3.05 -4.63 10.50
C MET A 451 -4.12 -5.11 9.54
N ARG A 452 -3.82 -5.12 8.23
CA ARG A 452 -4.77 -5.61 7.25
C ARG A 452 -5.09 -7.08 7.48
N TYR A 453 -4.05 -7.90 7.68
CA TYR A 453 -4.26 -9.33 7.92
C TYR A 453 -5.04 -9.56 9.22
N HIS A 454 -4.68 -8.83 10.28
CA HIS A 454 -5.38 -8.97 11.55
C HIS A 454 -6.83 -8.53 11.44
N LYS A 455 -7.10 -7.47 10.67
CA LYS A 455 -8.46 -7.03 10.46
C LYS A 455 -9.29 -8.10 9.76
N ALA A 456 -8.72 -8.74 8.73
CA ALA A 456 -9.45 -9.79 8.05
C ALA A 456 -9.73 -10.97 8.98
N HIS A 457 -8.72 -11.38 9.76
CA HIS A 457 -8.91 -12.49 10.69
C HIS A 457 -9.96 -12.14 11.75
N LEU A 458 -9.93 -10.91 12.26
CA LEU A 458 -10.92 -10.49 13.24
C LEU A 458 -12.31 -10.43 12.64
N THR A 459 -12.41 -10.04 11.37
CA THR A 459 -13.69 -10.04 10.69
C THR A 459 -14.28 -11.45 10.66
N ARG A 460 -13.46 -12.42 10.25
CA ARG A 460 -13.93 -13.80 10.25
C ARG A 460 -14.35 -14.25 11.64
N ARG A 461 -13.52 -13.96 12.65
CA ARG A 461 -13.80 -14.38 14.01
C ARG A 461 -15.10 -13.79 14.53
N LEU A 462 -15.32 -12.49 14.29
CA LEU A 462 -16.51 -11.84 14.80
C LEU A 462 -17.76 -12.30 14.08
N ILE A 463 -17.69 -12.49 12.77
CA ILE A 463 -18.89 -12.90 12.04
C ILE A 463 -19.27 -14.33 12.37
N LEU A 464 -18.29 -15.24 12.41
CA LEU A 464 -18.61 -16.62 12.79
C LEU A 464 -18.88 -16.78 14.27
N ASP A 465 -18.45 -15.84 15.10
CA ASP A 465 -18.59 -15.93 16.56
C ASP A 465 -17.91 -17.20 17.08
N ILE A 466 -16.60 -17.28 16.83
CA ILE A 466 -15.80 -18.43 17.26
C ILE A 466 -14.63 -17.93 18.09
N SER A 467 -14.79 -16.78 18.73
CA SER A 467 -13.73 -16.23 19.56
C SER A 467 -13.57 -17.03 20.83
N ALA A 468 -12.32 -17.20 21.26
CA ALA A 468 -12.06 -17.90 22.52
C ALA A 468 -12.45 -17.04 23.72
N ASP A 469 -12.18 -15.73 23.65
CA ASP A 469 -12.49 -14.83 24.75
C ASP A 469 -12.56 -13.41 24.20
N SER A 470 -13.70 -12.75 24.41
CA SER A 470 -13.90 -11.43 23.81
C SER A 470 -13.10 -10.36 24.53
N GLU A 471 -13.06 -10.41 25.86
CA GLU A 471 -12.31 -9.40 26.61
C GLU A 471 -10.83 -9.44 26.27
N ILE A 472 -10.31 -10.63 25.95
CA ILE A 472 -8.93 -10.74 25.49
C ILE A 472 -8.76 -9.97 24.18
N GLU A 473 -9.74 -10.07 23.28
CA GLU A 473 -9.64 -9.34 22.02
C GLU A 473 -9.71 -7.83 22.22
N GLU A 474 -10.55 -7.38 23.14
CA GLU A 474 -10.61 -5.94 23.41
C GLU A 474 -9.31 -5.45 24.04
N ASN A 475 -8.77 -6.18 25.01
CA ASN A 475 -7.46 -5.82 25.53
C ASN A 475 -6.40 -5.89 24.43
N MET A 476 -6.61 -6.77 23.45
CA MET A 476 -5.66 -6.90 22.35
C MET A 476 -5.65 -5.66 21.48
N VAL A 477 -6.84 -5.12 21.17
CA VAL A 477 -6.87 -3.89 20.39
C VAL A 477 -6.31 -2.73 21.20
N GLU A 478 -6.55 -2.71 22.52
CA GLU A 478 -5.94 -1.67 23.35
C GLU A 478 -4.41 -1.75 23.31
N TRP A 479 -3.87 -2.97 23.43
CA TRP A 479 -2.42 -3.15 23.38
C TRP A 479 -1.87 -2.78 22.00
N LEU A 480 -2.64 -3.08 20.94
CA LEU A 480 -2.23 -2.67 19.60
C LEU A 480 -2.13 -1.15 19.49
N ARG A 481 -3.11 -0.44 20.07
CA ARG A 481 -3.01 1.02 20.11
C ARG A 481 -1.77 1.47 20.88
N GLU A 482 -1.47 0.79 21.99
CA GLU A 482 -0.30 1.16 22.78
C GLU A 482 1.00 0.93 22.03
N VAL A 483 1.04 -0.13 21.22
CA VAL A 483 2.29 -0.53 20.56
C VAL A 483 2.73 0.52 19.55
N GLY A 484 1.78 1.16 18.88
CA GLY A 484 2.13 2.18 17.92
C GLY A 484 1.66 1.87 16.52
N MET A 485 0.60 1.10 16.41
CA MET A 485 0.04 0.75 15.11
C MET A 485 -0.56 2.00 14.45
N PRO A 486 -0.72 1.97 13.12
CA PRO A 486 -1.34 3.11 12.43
C PRO A 486 -2.72 3.39 13.00
N ALA A 487 -3.04 4.69 13.12
CA ALA A 487 -4.24 5.11 13.84
C ALA A 487 -5.52 4.77 13.10
N ASP A 488 -5.45 4.36 11.84
CA ASP A 488 -6.67 4.07 11.09
C ASP A 488 -7.28 2.74 11.50
N TYR A 489 -6.49 1.67 11.43
CA TYR A 489 -7.04 0.34 11.65
C TYR A 489 -7.46 0.12 13.10
N VAL A 490 -6.82 0.79 14.05
CA VAL A 490 -7.22 0.66 15.44
C VAL A 490 -8.61 1.27 15.65
N ASN A 491 -8.82 2.47 15.12
CA ASN A 491 -10.14 3.08 15.18
C ASN A 491 -11.17 2.23 14.46
N LYS A 492 -10.78 1.63 13.34
CA LYS A 492 -11.70 0.75 12.63
C LYS A 492 -12.09 -0.45 13.48
N LEU A 493 -11.13 -1.06 14.18
CA LEU A 493 -11.45 -2.19 15.04
C LEU A 493 -12.38 -1.79 16.17
N ALA A 494 -12.14 -0.61 16.77
CA ALA A 494 -13.05 -0.13 17.80
C ALA A 494 -14.45 0.06 17.25
N ARG A 495 -14.56 0.61 16.03
CA ARG A 495 -15.86 0.76 15.39
C ARG A 495 -16.52 -0.60 15.16
N MET A 496 -15.74 -1.61 14.78
CA MET A 496 -16.29 -2.94 14.57
C MET A 496 -16.88 -3.50 15.86
N PHE A 497 -16.17 -3.34 16.98
CA PHE A 497 -16.70 -3.83 18.24
C PHE A 497 -17.98 -3.09 18.64
N GLN A 498 -17.99 -1.77 18.47
CA GLN A 498 -19.19 -1.00 18.78
C GLN A 498 -20.36 -1.44 17.91
N ASP A 499 -20.10 -1.69 16.63
CA ASP A 499 -21.16 -2.15 15.74
C ASP A 499 -21.65 -3.53 16.11
N ILE A 500 -20.76 -4.40 16.60
CA ILE A 500 -21.20 -5.71 17.08
C ILE A 500 -22.18 -5.56 18.23
N LYS A 501 -21.87 -4.68 19.19
CA LYS A 501 -22.79 -4.46 20.29
C LYS A 501 -24.13 -3.88 19.81
N VAL A 502 -24.07 -2.91 18.90
CA VAL A 502 -25.30 -2.29 18.39
C VAL A 502 -26.16 -3.32 17.68
N SER A 503 -25.55 -4.17 16.86
CA SER A 503 -26.30 -5.20 16.18
C SER A 503 -26.86 -6.24 17.15
N GLU A 504 -26.13 -6.51 18.24
CA GLU A 504 -26.66 -7.41 19.26
C GLU A 504 -27.94 -6.86 19.85
N ASP A 505 -27.99 -5.55 20.11
CA ASP A 505 -29.23 -4.94 20.58
C ASP A 505 -30.32 -4.98 19.52
N LEU A 506 -29.96 -4.68 18.26
CA LEU A 506 -30.94 -4.60 17.18
C LEU A 506 -31.59 -5.95 16.93
N ASN A 507 -30.82 -7.03 17.00
CA ASN A 507 -31.38 -8.36 16.78
C ASN A 507 -32.43 -8.69 17.82
N GLN A 508 -32.16 -8.37 19.09
CA GLN A 508 -33.15 -8.61 20.13
C GLN A 508 -34.41 -7.79 19.90
N ALA A 509 -34.25 -6.52 19.49
CA ALA A 509 -35.41 -5.69 19.21
C ALA A 509 -36.24 -6.29 18.08
N PHE A 510 -35.59 -6.72 17.00
CA PHE A 510 -36.31 -7.28 15.86
C PHE A 510 -37.03 -8.58 16.24
N LYS A 511 -36.37 -9.43 17.03
CA LYS A 511 -37.01 -10.67 17.45
C LYS A 511 -38.21 -10.40 18.34
N GLU A 512 -38.10 -9.41 19.24
CA GLU A 512 -39.25 -9.04 20.06
C GLU A 512 -40.40 -8.54 19.21
N MET A 513 -40.11 -7.77 18.16
CA MET A 513 -41.14 -7.32 17.25
C MET A 513 -41.78 -8.50 16.51
N HIS A 514 -40.97 -9.44 16.05
CA HIS A 514 -41.40 -10.52 15.17
C HIS A 514 -41.95 -11.73 15.91
N LYS A 515 -41.94 -11.72 17.24
CA LYS A 515 -42.33 -12.91 18.01
C LYS A 515 -43.75 -13.38 17.70
N ASN A 516 -44.63 -12.49 17.25
CA ASN A 516 -46.04 -12.83 17.12
C ASN A 516 -46.37 -13.43 15.75
N ASN A 517 -46.15 -12.67 14.68
CA ASN A 517 -46.57 -13.07 13.33
C ASN A 517 -45.54 -14.03 12.73
N LYS A 518 -45.65 -15.29 13.14
CA LYS A 518 -44.68 -16.30 12.72
C LYS A 518 -44.74 -16.53 11.22
N LEU A 519 -43.57 -16.60 10.60
CA LEU A 519 -43.42 -16.90 9.18
C LEU A 519 -42.99 -18.36 9.01
N ALA A 520 -42.62 -18.72 7.78
CA ALA A 520 -42.08 -20.05 7.54
C ALA A 520 -40.85 -20.33 8.41
N LEU A 521 -40.05 -19.29 8.68
CA LEU A 521 -38.93 -19.40 9.59
C LEU A 521 -39.31 -18.82 10.95
N PRO A 522 -39.29 -19.62 12.02
CA PRO A 522 -39.61 -19.07 13.34
C PRO A 522 -38.63 -17.97 13.73
N ALA A 523 -39.14 -17.00 14.49
CA ALA A 523 -38.35 -15.83 14.85
C ALA A 523 -37.17 -16.17 15.76
N ASP A 524 -37.20 -17.33 16.40
CA ASP A 524 -36.12 -17.73 17.30
C ASP A 524 -34.92 -18.33 16.57
N SER A 525 -35.01 -18.53 15.26
CA SER A 525 -33.94 -19.16 14.49
C SER A 525 -33.47 -18.27 13.35
N VAL A 526 -33.60 -16.96 13.50
CA VAL A 526 -33.14 -16.00 12.50
C VAL A 526 -32.36 -14.91 13.22
N ASN A 527 -31.17 -14.60 12.71
CA ASN A 527 -30.34 -13.54 13.26
C ASN A 527 -29.99 -12.55 12.17
N ILE A 528 -29.77 -11.29 12.56
CA ILE A 528 -29.39 -10.23 11.64
C ILE A 528 -28.22 -9.46 12.24
N LYS A 529 -27.45 -8.82 11.36
CA LYS A 529 -26.29 -8.06 11.78
C LYS A 529 -26.11 -6.90 10.82
N ILE A 530 -26.57 -5.71 11.21
CA ILE A 530 -26.41 -4.51 10.41
C ILE A 530 -25.13 -3.82 10.85
N LEU A 531 -24.19 -3.67 9.93
CA LEU A 531 -22.85 -3.19 10.24
C LEU A 531 -22.50 -2.02 9.33
N ASN A 532 -21.59 -1.18 9.80
CA ASN A 532 -21.13 -0.04 9.01
C ASN A 532 -20.40 -0.52 7.77
N ALA A 533 -20.57 0.22 6.68
CA ALA A 533 -19.94 -0.11 5.41
C ALA A 533 -18.57 0.51 5.24
N GLY A 534 -18.13 1.33 6.20
CA GLY A 534 -16.82 1.94 6.12
C GLY A 534 -15.77 1.17 6.91
N ALA A 535 -16.10 0.84 8.16
CA ALA A 535 -15.17 0.05 8.97
C ALA A 535 -14.98 -1.35 8.39
N TRP A 536 -16.09 -2.01 8.07
CA TRP A 536 -16.04 -3.34 7.45
C TRP A 536 -15.83 -3.18 5.95
N SER A 537 -16.04 -4.25 5.18
CA SER A 537 -15.77 -4.22 3.75
C SER A 537 -16.55 -3.11 3.07
N ARG A 538 -15.85 -2.28 2.30
CA ARG A 538 -16.44 -1.16 1.57
C ARG A 538 -16.45 -1.51 0.08
N SER A 539 -17.60 -1.92 -0.42
CA SER A 539 -17.73 -2.31 -1.83
C SER A 539 -19.18 -2.24 -2.23
N SER A 540 -19.49 -1.35 -3.18
CA SER A 540 -20.84 -1.25 -3.74
C SER A 540 -20.96 -2.13 -4.99
N GLU A 541 -20.58 -3.39 -4.84
CA GLU A 541 -20.59 -4.36 -5.93
C GLU A 541 -21.87 -5.17 -5.90
N LYS A 542 -22.21 -5.73 -7.05
CA LYS A 542 -23.43 -6.53 -7.19
C LYS A 542 -23.06 -8.00 -7.31
N VAL A 543 -23.78 -8.83 -6.55
CA VAL A 543 -23.57 -10.28 -6.55
C VAL A 543 -24.89 -10.93 -6.95
N PHE A 544 -24.83 -11.81 -7.95
CA PHE A 544 -26.02 -12.45 -8.51
C PHE A 544 -26.14 -13.87 -7.95
N VAL A 545 -27.15 -14.08 -7.11
CA VAL A 545 -27.46 -15.39 -6.55
C VAL A 545 -28.97 -15.57 -6.55
N SER A 546 -29.43 -16.76 -6.93
CA SER A 546 -30.85 -17.09 -6.91
C SER A 546 -31.21 -17.59 -5.52
N LEU A 547 -31.69 -16.70 -4.67
CA LEU A 547 -32.01 -17.01 -3.29
C LEU A 547 -33.32 -17.79 -3.19
N PRO A 548 -33.47 -18.65 -2.18
CA PRO A 548 -34.73 -19.38 -2.01
C PRO A 548 -35.87 -18.48 -1.56
N THR A 549 -37.07 -19.05 -1.42
CA THR A 549 -38.23 -18.23 -1.08
C THR A 549 -38.22 -17.81 0.38
N GLU A 550 -37.63 -18.62 1.26
CA GLU A 550 -37.59 -18.27 2.67
C GLU A 550 -36.70 -17.06 2.94
N LEU A 551 -35.73 -16.78 2.05
CA LEU A 551 -34.85 -15.65 2.23
C LEU A 551 -35.31 -14.39 1.51
N GLU A 552 -36.14 -14.53 0.46
CA GLU A 552 -36.64 -13.37 -0.24
C GLU A 552 -37.82 -12.72 0.47
N ASP A 553 -38.48 -13.43 1.37
CA ASP A 553 -39.55 -12.86 2.18
C ASP A 553 -39.04 -12.23 3.47
N LEU A 554 -37.72 -12.22 3.67
CA LEU A 554 -37.11 -11.66 4.87
C LEU A 554 -36.40 -10.35 4.62
N ILE A 555 -35.85 -10.14 3.42
CA ILE A 555 -35.14 -8.88 3.14
C ILE A 555 -36.08 -7.67 3.24
N PRO A 556 -37.25 -7.64 2.60
CA PRO A 556 -38.10 -6.44 2.73
C PRO A 556 -38.53 -6.16 4.16
N GLU A 557 -38.79 -7.20 4.95
CA GLU A 557 -39.20 -7.00 6.33
C GLU A 557 -38.12 -6.30 7.13
N VAL A 558 -36.88 -6.79 7.03
CA VAL A 558 -35.77 -6.17 7.74
C VAL A 558 -35.52 -4.76 7.21
N GLU A 559 -35.68 -4.56 5.89
CA GLU A 559 -35.46 -3.25 5.32
C GLU A 559 -36.45 -2.23 5.88
N GLU A 560 -37.73 -2.60 5.92
CA GLU A 560 -38.74 -1.67 6.43
C GLU A 560 -38.64 -1.49 7.95
N PHE A 561 -38.20 -2.53 8.67
CA PHE A 561 -37.96 -2.39 10.09
C PHE A 561 -36.82 -1.42 10.36
N TYR A 562 -35.75 -1.49 9.55
CA TYR A 562 -34.64 -0.56 9.71
C TYR A 562 -35.03 0.85 9.28
N LYS A 563 -35.92 0.98 8.31
CA LYS A 563 -36.37 2.28 7.84
C LYS A 563 -37.36 2.95 8.81
N LYS A 564 -37.57 2.36 9.99
CA LYS A 564 -38.49 2.92 10.97
C LYS A 564 -37.78 3.88 11.92
N ASN A 565 -36.77 3.40 12.63
CA ASN A 565 -36.04 4.22 13.60
C ASN A 565 -34.93 5.05 12.97
N HIS A 566 -34.44 4.65 11.80
CA HIS A 566 -33.35 5.35 11.13
C HIS A 566 -33.86 5.93 9.82
N SER A 567 -33.37 7.11 9.47
CA SER A 567 -33.77 7.80 8.25
C SER A 567 -32.53 8.15 7.42
N GLY A 568 -32.68 8.09 6.11
CA GLY A 568 -31.57 8.44 5.23
C GLY A 568 -30.47 7.41 5.16
N ARG A 569 -30.75 6.15 5.49
CA ARG A 569 -29.75 5.09 5.50
C ARG A 569 -30.14 4.01 4.50
N LYS A 570 -29.14 3.51 3.77
CA LYS A 570 -29.32 2.44 2.80
C LYS A 570 -28.99 1.10 3.44
N LEU A 571 -29.16 0.02 2.66
CA LEU A 571 -28.79 -1.32 3.09
C LEU A 571 -28.30 -2.09 1.88
N HIS A 572 -27.06 -2.60 1.97
CA HIS A 572 -26.47 -3.43 0.93
C HIS A 572 -26.24 -4.81 1.53
N TRP A 573 -27.07 -5.77 1.14
CA TRP A 573 -26.98 -7.11 1.72
C TRP A 573 -25.72 -7.82 1.25
N HIS A 574 -25.06 -8.49 2.18
CA HIS A 574 -23.81 -9.19 1.93
C HIS A 574 -24.09 -10.68 1.87
N HIS A 575 -23.77 -11.30 0.73
CA HIS A 575 -24.08 -12.71 0.52
C HIS A 575 -22.89 -13.62 0.72
N LEU A 576 -21.67 -13.09 0.66
CA LEU A 576 -20.50 -13.93 0.97
C LEU A 576 -20.40 -14.19 2.47
N MET A 577 -20.67 -13.17 3.29
CA MET A 577 -20.50 -13.28 4.72
C MET A 577 -21.67 -13.98 5.40
N SER A 578 -22.82 -14.07 4.74
CA SER A 578 -23.97 -14.75 5.32
C SER A 578 -23.70 -16.24 5.44
N ASN A 579 -24.27 -16.86 6.47
CA ASN A 579 -24.08 -18.27 6.72
C ASN A 579 -25.29 -18.82 7.46
N GLY A 580 -25.43 -20.12 7.45
CA GLY A 580 -26.58 -20.73 8.10
C GLY A 580 -26.39 -22.21 8.28
N ILE A 581 -27.45 -22.87 8.74
CA ILE A 581 -27.47 -24.29 8.98
C ILE A 581 -28.68 -24.88 8.28
N ILE A 582 -28.46 -25.86 7.42
CA ILE A 582 -29.54 -26.58 6.76
C ILE A 582 -29.47 -28.04 7.19
N THR A 583 -30.53 -28.78 6.91
CA THR A 583 -30.59 -30.20 7.22
C THR A 583 -30.69 -31.01 5.93
N PHE A 584 -30.12 -32.21 5.97
CA PHE A 584 -30.03 -33.08 4.81
C PHE A 584 -30.74 -34.39 5.12
N LYS A 585 -31.59 -34.84 4.20
CA LYS A 585 -32.42 -36.03 4.41
C LYS A 585 -32.02 -37.09 3.39
N ASN A 586 -31.25 -38.08 3.83
CA ASN A 586 -30.87 -39.20 2.99
C ASN A 586 -31.89 -40.33 3.14
N GLU A 587 -31.64 -41.44 2.44
CA GLU A 587 -32.35 -42.67 2.70
C GLU A 587 -31.76 -43.44 3.87
N VAL A 588 -30.63 -42.96 4.42
CA VAL A 588 -29.96 -43.61 5.54
C VAL A 588 -30.32 -42.88 6.83
N GLY A 589 -30.06 -41.58 6.87
CA GLY A 589 -30.36 -40.79 8.05
C GLY A 589 -30.40 -39.32 7.72
N GLN A 590 -30.79 -38.53 8.71
CA GLN A 590 -30.90 -37.09 8.58
C GLN A 590 -29.73 -36.40 9.28
N TYR A 591 -29.11 -35.46 8.60
CA TYR A 591 -27.96 -34.74 9.11
C TYR A 591 -28.25 -33.23 9.06
N ASP A 592 -27.25 -32.44 9.41
CA ASP A 592 -27.32 -31.00 9.21
C ASP A 592 -25.94 -30.47 8.88
N LEU A 593 -25.89 -29.37 8.14
CA LEU A 593 -24.65 -28.84 7.60
C LEU A 593 -24.47 -27.41 8.07
N GLU A 594 -23.32 -26.83 7.76
CA GLU A 594 -23.05 -25.41 7.96
C GLU A 594 -22.51 -24.89 6.65
N VAL A 595 -23.31 -24.09 5.94
CA VAL A 595 -23.03 -23.72 4.57
C VAL A 595 -23.12 -22.21 4.40
N THR A 596 -22.48 -21.74 3.34
CA THR A 596 -22.57 -20.35 2.93
C THR A 596 -23.71 -20.20 1.92
N THR A 597 -24.00 -18.95 1.54
CA THR A 597 -25.10 -18.69 0.62
C THR A 597 -24.85 -19.32 -0.74
N PHE A 598 -23.60 -19.32 -1.21
CA PHE A 598 -23.30 -19.89 -2.51
C PHE A 598 -23.56 -21.39 -2.52
N GLN A 599 -23.02 -22.10 -1.53
CA GLN A 599 -23.30 -23.52 -1.39
C GLN A 599 -24.77 -23.78 -1.14
N LEU A 600 -25.45 -22.85 -0.45
CA LEU A 600 -26.89 -22.97 -0.24
C LEU A 600 -27.64 -23.00 -1.57
N ALA A 601 -27.34 -22.03 -2.43
CA ALA A 601 -28.00 -21.96 -3.73
C ALA A 601 -27.66 -23.16 -4.59
N VAL A 602 -26.40 -23.60 -4.55
CA VAL A 602 -26.01 -24.77 -5.33
C VAL A 602 -26.74 -26.01 -4.85
N LEU A 603 -26.88 -26.18 -3.53
CA LEU A 603 -27.53 -27.37 -3.00
C LEU A 603 -29.03 -27.36 -3.23
N PHE A 604 -29.66 -26.17 -3.24
CA PHE A 604 -31.11 -26.13 -3.42
C PHE A 604 -31.57 -26.53 -4.82
N ALA A 605 -30.65 -26.66 -5.78
CA ALA A 605 -31.05 -27.11 -7.11
C ALA A 605 -31.60 -28.53 -7.12
N TRP A 606 -31.39 -29.29 -6.05
CA TRP A 606 -31.84 -30.68 -5.95
C TRP A 606 -33.12 -30.84 -5.16
N ASN A 607 -33.80 -29.74 -4.79
CA ASN A 607 -35.05 -29.85 -4.06
C ASN A 607 -36.09 -30.59 -4.91
N GLN A 608 -36.28 -30.15 -6.14
CA GLN A 608 -36.92 -31.00 -7.14
C GLN A 608 -35.86 -31.91 -7.74
N ARG A 609 -36.28 -32.80 -8.64
CA ARG A 609 -35.44 -33.80 -9.29
C ARG A 609 -34.40 -34.38 -8.32
N PRO A 610 -34.85 -35.01 -7.21
CA PRO A 610 -33.90 -35.43 -6.17
C PRO A 610 -32.83 -36.40 -6.67
N ARG A 611 -33.27 -37.53 -7.23
CA ARG A 611 -32.35 -38.55 -7.73
C ARG A 611 -32.17 -38.36 -9.24
N GLU A 612 -31.49 -37.27 -9.59
CA GLU A 612 -31.27 -36.94 -10.99
C GLU A 612 -29.91 -36.30 -11.15
N LYS A 613 -29.35 -36.45 -12.35
CA LYS A 613 -28.07 -35.83 -12.70
C LYS A 613 -28.33 -34.45 -13.29
N ILE A 614 -27.46 -33.50 -12.95
CA ILE A 614 -27.53 -32.14 -13.47
C ILE A 614 -26.18 -31.77 -14.05
N SER A 615 -26.18 -31.27 -15.29
CA SER A 615 -24.96 -30.90 -15.97
C SER A 615 -24.36 -29.64 -15.34
N PHE A 616 -23.11 -29.36 -15.72
CA PHE A 616 -22.46 -28.15 -15.25
C PHE A 616 -23.08 -26.89 -15.84
N GLU A 617 -23.85 -27.03 -16.92
CA GLU A 617 -24.47 -25.86 -17.54
C GLU A 617 -25.88 -25.59 -17.01
N ASN A 618 -26.64 -26.64 -16.72
CA ASN A 618 -27.94 -26.42 -16.08
C ASN A 618 -27.78 -25.81 -14.70
N LEU A 619 -26.70 -26.15 -13.98
CA LEU A 619 -26.43 -25.52 -12.70
C LEU A 619 -26.12 -24.03 -12.88
N LYS A 620 -25.37 -23.68 -13.92
CA LYS A 620 -25.02 -22.28 -14.15
C LYS A 620 -26.24 -21.43 -14.41
N LEU A 621 -27.35 -22.03 -14.82
CA LEU A 621 -28.60 -21.31 -15.04
C LEU A 621 -29.55 -21.39 -13.85
N ALA A 622 -29.59 -22.52 -13.15
CA ALA A 622 -30.50 -22.68 -12.03
C ALA A 622 -30.06 -21.90 -10.80
N THR A 623 -28.79 -21.51 -10.73
CA THR A 623 -28.28 -20.77 -9.58
C THR A 623 -27.80 -19.37 -9.90
N GLU A 624 -27.71 -19.01 -11.19
CA GLU A 624 -27.30 -17.68 -11.65
C GLU A 624 -25.88 -17.32 -11.24
N LEU A 625 -25.12 -18.26 -10.68
CA LEU A 625 -23.75 -17.99 -10.29
C LEU A 625 -22.87 -17.88 -11.54
N PRO A 626 -21.80 -17.09 -11.47
CA PRO A 626 -20.85 -17.03 -12.59
C PRO A 626 -20.01 -18.30 -12.69
N ASP A 627 -19.15 -18.38 -13.69
CA ASP A 627 -18.41 -19.61 -13.94
C ASP A 627 -17.39 -19.90 -12.84
N ALA A 628 -16.58 -18.90 -12.49
CA ALA A 628 -15.49 -19.12 -11.54
C ALA A 628 -16.01 -19.44 -10.16
N GLU A 629 -16.99 -18.66 -9.67
CA GLU A 629 -17.55 -18.91 -8.36
C GLU A 629 -18.26 -20.25 -8.29
N LEU A 630 -18.97 -20.62 -9.36
CA LEU A 630 -19.60 -21.94 -9.40
C LEU A 630 -18.56 -23.04 -9.35
N ARG A 631 -17.46 -22.89 -10.09
CA ARG A 631 -16.40 -23.89 -10.06
C ARG A 631 -15.83 -24.05 -8.66
N ARG A 632 -15.52 -22.92 -8.01
CA ARG A 632 -14.93 -22.98 -6.68
C ARG A 632 -15.89 -23.60 -5.67
N THR A 633 -17.16 -23.20 -5.71
CA THR A 633 -18.15 -23.74 -4.79
C THR A 633 -18.35 -25.23 -4.99
N LEU A 634 -18.43 -25.66 -6.26
CA LEU A 634 -18.62 -27.08 -6.53
C LEU A 634 -17.42 -27.89 -6.08
N TRP A 635 -16.21 -27.37 -6.30
CA TRP A 635 -15.03 -28.08 -5.84
C TRP A 635 -15.01 -28.19 -4.32
N SER A 636 -15.35 -27.10 -3.63
CA SER A 636 -15.42 -27.16 -2.17
C SER A 636 -16.52 -28.10 -1.70
N LEU A 637 -17.54 -28.31 -2.51
CA LEU A 637 -18.66 -29.17 -2.13
C LEU A 637 -18.44 -30.63 -2.46
N VAL A 638 -17.53 -30.95 -3.37
CA VAL A 638 -17.26 -32.33 -3.75
C VAL A 638 -15.86 -32.81 -3.37
N ALA A 639 -15.01 -31.92 -2.87
CA ALA A 639 -13.63 -32.29 -2.56
C ALA A 639 -13.23 -31.73 -1.19
N PHE A 640 -14.08 -31.92 -0.20
CA PHE A 640 -13.75 -31.48 1.15
C PHE A 640 -12.59 -32.31 1.69
N PRO A 641 -11.54 -31.68 2.23
CA PRO A 641 -10.33 -32.42 2.59
C PRO A 641 -10.52 -33.52 3.63
N LYS A 642 -11.02 -33.16 4.80
CA LYS A 642 -11.02 -34.09 5.93
C LYS A 642 -11.97 -35.26 5.69
N LEU A 643 -13.13 -35.00 5.09
CA LEU A 643 -14.16 -36.01 4.99
C LEU A 643 -13.77 -37.12 4.03
N LYS A 644 -14.26 -38.33 4.32
CA LYS A 644 -14.12 -39.47 3.41
C LYS A 644 -15.33 -39.56 2.48
N ARG A 645 -16.52 -39.66 3.05
CA ARG A 645 -17.74 -39.55 2.27
C ARG A 645 -18.08 -38.09 2.02
N GLN A 646 -18.82 -37.84 0.94
CA GLN A 646 -19.15 -36.48 0.54
C GLN A 646 -20.59 -36.44 0.05
N VAL A 647 -21.06 -35.23 -0.24
CA VAL A 647 -22.47 -35.02 -0.59
C VAL A 647 -22.70 -35.11 -2.09
N LEU A 648 -21.79 -34.59 -2.90
CA LEU A 648 -21.95 -34.57 -4.35
C LEU A 648 -20.77 -35.27 -5.01
N LEU A 649 -21.07 -36.08 -6.03
CA LEU A 649 -20.07 -36.83 -6.76
C LEU A 649 -20.27 -36.61 -8.25
N TYR A 650 -19.17 -36.67 -9.00
CA TYR A 650 -19.17 -36.43 -10.43
C TYR A 650 -18.39 -37.51 -11.14
N GLU A 651 -18.82 -37.82 -12.37
CA GLU A 651 -18.27 -38.95 -13.12
C GLU A 651 -16.88 -38.68 -13.71
N PRO A 652 -16.67 -37.60 -14.50
CA PRO A 652 -15.34 -37.38 -15.05
C PRO A 652 -14.37 -36.82 -14.03
N GLN A 653 -13.75 -37.70 -13.23
CA GLN A 653 -12.90 -37.26 -12.13
C GLN A 653 -11.72 -36.46 -12.65
N VAL A 654 -11.32 -35.45 -11.87
CA VAL A 654 -10.21 -34.58 -12.22
C VAL A 654 -9.61 -34.06 -10.93
N ASN A 655 -8.37 -33.58 -11.01
CA ASN A 655 -7.63 -33.09 -9.85
C ASN A 655 -7.51 -31.58 -9.82
N SER A 656 -8.34 -30.87 -10.61
CA SER A 656 -8.28 -29.42 -10.63
C SER A 656 -9.65 -28.85 -10.96
N PRO A 657 -10.14 -27.87 -10.21
CA PRO A 657 -11.42 -27.25 -10.55
C PRO A 657 -11.42 -26.55 -11.90
N LYS A 658 -10.27 -26.11 -12.39
CA LYS A 658 -10.19 -25.39 -13.66
C LYS A 658 -10.44 -26.30 -14.85
N ASP A 659 -10.49 -27.61 -14.66
CA ASP A 659 -10.70 -28.55 -15.76
C ASP A 659 -12.15 -29.05 -15.83
N PHE A 660 -13.06 -28.42 -15.10
CA PHE A 660 -14.47 -28.77 -15.21
C PHE A 660 -14.97 -28.45 -16.61
N THR A 661 -15.71 -29.38 -17.21
CA THR A 661 -16.26 -29.21 -18.54
C THR A 661 -17.77 -29.08 -18.46
N GLU A 662 -18.35 -28.51 -19.52
CA GLU A 662 -19.78 -28.26 -19.55
C GLU A 662 -20.59 -29.55 -19.54
N GLY A 663 -19.98 -30.68 -19.88
CA GLY A 663 -20.65 -31.96 -19.85
C GLY A 663 -20.54 -32.72 -18.55
N THR A 664 -19.91 -32.14 -17.52
CA THR A 664 -19.78 -32.80 -16.24
C THR A 664 -21.14 -32.98 -15.60
N LEU A 665 -21.35 -34.15 -14.97
CA LEU A 665 -22.62 -34.48 -14.34
C LEU A 665 -22.42 -34.61 -12.84
N PHE A 666 -23.31 -33.99 -12.06
CA PHE A 666 -23.28 -34.06 -10.62
C PHE A 666 -24.55 -34.73 -10.10
N SER A 667 -24.43 -35.41 -8.98
CA SER A 667 -25.56 -36.07 -8.35
C SER A 667 -25.39 -36.06 -6.84
N VAL A 668 -26.50 -36.21 -6.14
CA VAL A 668 -26.49 -36.20 -4.68
C VAL A 668 -26.15 -37.60 -4.18
N ASN A 669 -25.21 -37.67 -3.23
CA ASN A 669 -24.77 -38.94 -2.68
C ASN A 669 -25.85 -39.48 -1.75
N GLN A 670 -26.68 -40.39 -2.27
CA GLN A 670 -27.76 -40.95 -1.47
C GLN A 670 -27.25 -41.82 -0.33
N GLU A 671 -26.00 -42.29 -0.41
CA GLU A 671 -25.42 -43.14 0.63
C GLU A 671 -24.44 -42.38 1.51
N PHE A 672 -24.44 -41.05 1.44
CA PHE A 672 -23.57 -40.26 2.30
C PHE A 672 -23.97 -40.44 3.77
N SER A 673 -22.97 -40.60 4.63
CA SER A 673 -23.22 -40.78 6.05
C SER A 673 -21.98 -40.35 6.82
N LEU A 674 -22.16 -40.13 8.12
CA LEU A 674 -21.07 -39.71 8.98
C LEU A 674 -20.46 -40.90 9.73
N VAL A 680 -21.13 -45.46 11.47
CA VAL A 680 -22.21 -44.98 10.62
C VAL A 680 -23.31 -44.37 11.47
N GLN A 681 -23.06 -43.19 12.02
CA GLN A 681 -24.04 -42.50 12.84
C GLN A 681 -25.21 -42.03 11.99
N LYS A 682 -26.43 -42.28 12.48
CA LYS A 682 -27.62 -41.87 11.74
C LYS A 682 -27.86 -40.37 11.80
N ARG A 683 -27.27 -39.69 12.77
CA ARG A 683 -27.40 -38.24 12.90
C ARG A 683 -26.06 -37.65 13.32
N GLY A 684 -25.83 -36.41 12.91
CA GLY A 684 -24.59 -35.73 13.26
C GLY A 684 -24.55 -34.37 12.62
N LYS A 685 -23.52 -33.60 12.99
CA LYS A 685 -23.31 -32.26 12.49
C LYS A 685 -21.87 -32.11 12.04
N ILE A 686 -21.67 -31.60 10.82
CA ILE A 686 -20.35 -31.31 10.30
C ILE A 686 -20.34 -29.89 9.75
N ASN A 687 -19.14 -29.36 9.57
CA ASN A 687 -18.95 -27.99 9.14
C ASN A 687 -18.38 -27.98 7.73
N LEU A 688 -18.93 -27.10 6.88
CA LEU A 688 -18.45 -26.95 5.51
C LEU A 688 -17.92 -25.55 5.22
N ILE A 689 -17.89 -24.67 6.21
CA ILE A 689 -17.39 -23.30 6.04
C ILE A 689 -16.00 -23.25 6.67
N GLY A 690 -14.98 -23.38 5.84
CA GLY A 690 -13.63 -23.16 6.31
C GLY A 690 -13.04 -21.91 5.68
N ARG A 691 -12.87 -20.85 6.48
CA ARG A 691 -12.40 -19.55 5.99
C ARG A 691 -13.33 -19.00 4.91
N LEU A 692 -14.54 -18.63 5.36
CA LEU A 692 -15.50 -18.00 4.47
C LEU A 692 -14.83 -16.89 3.67
N GLN A 693 -15.10 -16.87 2.36
CA GLN A 693 -14.45 -15.91 1.49
C GLN A 693 -14.93 -14.49 1.80
N LEU A 694 -13.99 -13.55 1.78
CA LEU A 694 -14.29 -12.14 1.98
C LEU A 694 -14.23 -11.33 0.71
N THR A 695 -13.85 -11.92 -0.42
CA THR A 695 -13.68 -11.19 -1.66
C THR A 695 -13.96 -12.11 -2.83
N THR A 696 -14.62 -11.57 -3.86
CA THR A 696 -14.90 -12.30 -5.08
C THR A 696 -14.49 -11.44 -6.28
N GLU A 697 -14.61 -12.03 -7.47
CA GLU A 697 -14.29 -11.30 -8.68
C GLU A 697 -15.46 -10.41 -9.09
N ARG A 698 -15.19 -9.52 -10.05
CA ARG A 698 -16.22 -8.61 -10.58
C ARG A 698 -17.12 -9.42 -11.50
N MET A 699 -18.28 -9.83 -10.98
CA MET A 699 -19.21 -10.63 -11.75
C MET A 699 -19.71 -9.85 -12.96
N ARG A 700 -19.35 -10.32 -14.16
CA ARG A 700 -19.68 -9.59 -15.38
C ARG A 700 -21.19 -9.50 -15.57
N GLU A 701 -21.64 -8.33 -16.00
CA GLU A 701 -23.08 -8.10 -16.19
C GLU A 701 -23.63 -8.79 -17.42
N GLU A 702 -22.78 -9.03 -18.43
CA GLU A 702 -23.26 -9.64 -19.67
C GLU A 702 -23.78 -11.05 -19.44
N GLU A 703 -23.05 -11.85 -18.66
CA GLU A 703 -23.48 -13.22 -18.40
C GLU A 703 -24.78 -13.25 -17.63
N ASN A 704 -24.92 -12.41 -16.61
CA ASN A 704 -26.15 -12.36 -15.85
C ASN A 704 -27.32 -11.89 -16.71
N GLU A 705 -27.07 -10.91 -17.59
CA GLU A 705 -28.13 -10.46 -18.49
C GLU A 705 -28.56 -11.58 -19.43
N GLY A 706 -27.61 -12.35 -19.95
CA GLY A 706 -27.97 -13.48 -20.79
C GLY A 706 -28.77 -14.53 -20.05
N ILE A 707 -28.38 -14.83 -18.81
CA ILE A 707 -29.13 -15.79 -18.00
C ILE A 707 -30.54 -15.29 -17.74
N VAL A 708 -30.69 -14.00 -17.43
CA VAL A 708 -32.00 -13.42 -17.18
C VAL A 708 -32.86 -13.50 -18.44
N GLN A 709 -32.28 -13.17 -19.60
CA GLN A 709 -33.03 -13.24 -20.84
C GLN A 709 -33.49 -14.66 -21.14
N LEU A 710 -32.61 -15.64 -20.93
CA LEU A 710 -32.99 -17.03 -21.19
C LEU A 710 -34.09 -17.46 -20.23
N ARG A 711 -34.01 -17.05 -18.96
CA ARG A 711 -35.06 -17.37 -18.01
C ARG A 711 -36.40 -16.77 -18.44
N ILE A 712 -36.37 -15.52 -18.90
CA ILE A 712 -37.60 -14.86 -19.35
C ILE A 712 -38.20 -15.62 -20.54
N LEU A 713 -37.36 -15.98 -21.50
CA LEU A 713 -37.85 -16.70 -22.68
C LEU A 713 -38.44 -18.05 -22.28
N ARG A 714 -37.75 -18.78 -21.40
CA ARG A 714 -38.22 -20.10 -20.98
C ARG A 714 -39.54 -20.00 -20.24
N THR A 715 -39.69 -19.03 -19.33
CA THR A 715 -40.94 -18.93 -18.59
C THR A 715 -42.08 -18.46 -19.49
N GLN A 716 -41.80 -17.58 -20.47
CA GLN A 716 -42.82 -17.22 -21.44
C GLN A 716 -43.28 -18.45 -22.21
N GLU A 717 -42.32 -19.26 -22.67
CA GLU A 717 -42.66 -20.45 -23.44
C GLU A 717 -43.49 -21.41 -22.61
N ALA A 718 -43.11 -21.62 -21.34
CA ALA A 718 -43.85 -22.54 -20.48
C ALA A 718 -45.26 -22.03 -20.21
N ILE A 719 -45.40 -20.74 -19.94
CA ILE A 719 -46.72 -20.18 -19.66
C ILE A 719 -47.63 -20.31 -20.88
N ILE A 720 -47.10 -19.97 -22.06
CA ILE A 720 -47.91 -20.05 -23.26
C ILE A 720 -48.26 -21.50 -23.59
N GLN A 721 -47.32 -22.42 -23.34
CA GLN A 721 -47.61 -23.83 -23.57
C GLN A 721 -48.71 -24.34 -22.66
N ILE A 722 -48.67 -23.96 -21.37
CA ILE A 722 -49.71 -24.44 -20.47
C ILE A 722 -51.04 -23.77 -20.76
N MET A 723 -51.02 -22.53 -21.26
CA MET A 723 -52.26 -21.91 -21.72
C MET A 723 -52.83 -22.63 -22.94
N LYS A 724 -51.96 -23.05 -23.86
CA LYS A 724 -52.42 -23.79 -25.02
C LYS A 724 -53.01 -25.14 -24.62
N MET A 725 -52.37 -25.82 -23.66
CA MET A 725 -52.86 -27.12 -23.22
C MET A 725 -54.24 -27.00 -22.58
N ARG A 726 -54.45 -25.98 -21.74
CA ARG A 726 -55.72 -25.74 -21.09
C ARG A 726 -56.05 -24.26 -21.19
N LYS A 727 -57.13 -23.95 -21.91
CA LYS A 727 -57.48 -22.56 -22.16
C LYS A 727 -58.11 -21.86 -20.95
N LYS A 728 -58.53 -22.61 -19.94
CA LYS A 728 -59.17 -22.06 -18.75
C LYS A 728 -58.55 -22.69 -17.52
N ILE A 729 -57.78 -21.92 -16.77
CA ILE A 729 -57.16 -22.39 -15.54
C ILE A 729 -56.97 -21.20 -14.60
N SER A 730 -57.18 -21.44 -13.31
CA SER A 730 -57.13 -20.37 -12.32
C SER A 730 -55.68 -19.95 -12.08
N ASN A 731 -55.51 -19.02 -11.13
CA ASN A 731 -54.18 -18.52 -10.82
C ASN A 731 -53.44 -19.42 -9.84
N ALA A 732 -54.15 -20.04 -8.90
CA ALA A 732 -53.49 -20.88 -7.90
C ALA A 732 -52.81 -22.08 -8.55
N GLN A 733 -53.50 -22.73 -9.50
CA GLN A 733 -52.90 -23.88 -10.18
C GLN A 733 -51.76 -23.47 -11.10
N LEU A 734 -51.69 -22.19 -11.48
CA LEU A 734 -50.67 -21.75 -12.42
C LEU A 734 -49.27 -21.97 -11.86
N GLN A 735 -49.03 -21.56 -10.62
CA GLN A 735 -47.71 -21.70 -10.03
C GLN A 735 -47.33 -23.17 -9.86
N THR A 736 -48.28 -24.00 -9.42
CA THR A 736 -47.98 -25.41 -9.23
C THR A 736 -47.63 -26.08 -10.57
N GLU A 737 -48.44 -25.87 -11.59
CA GLU A 737 -48.14 -26.46 -12.89
C GLU A 737 -46.87 -25.87 -13.51
N LEU A 738 -46.56 -24.61 -13.21
CA LEU A 738 -45.33 -24.01 -13.72
C LEU A 738 -44.11 -24.62 -13.03
N VAL A 739 -44.21 -24.88 -11.73
CA VAL A 739 -43.13 -25.54 -11.01
C VAL A 739 -42.93 -26.95 -11.57
N GLU A 740 -44.01 -27.68 -11.80
CA GLU A 740 -43.88 -29.03 -12.35
C GLU A 740 -43.28 -29.00 -13.75
N ILE A 741 -43.74 -28.08 -14.61
CA ILE A 741 -43.22 -28.00 -15.96
C ILE A 741 -41.76 -27.56 -15.96
N LEU A 742 -41.45 -26.54 -15.17
CA LEU A 742 -40.09 -26.01 -15.09
C LEU A 742 -39.43 -26.59 -13.84
N LYS A 743 -38.95 -27.83 -13.98
CA LYS A 743 -38.23 -28.49 -12.89
C LYS A 743 -36.86 -28.96 -13.37
N ASN A 744 -36.76 -29.28 -14.66
CA ASN A 744 -35.50 -29.69 -15.26
C ASN A 744 -34.74 -28.54 -15.89
N MET A 745 -35.26 -27.32 -15.77
CA MET A 745 -34.59 -26.13 -16.30
C MET A 745 -34.14 -25.19 -15.19
N PHE A 746 -35.06 -24.74 -14.35
CA PHE A 746 -34.77 -23.85 -13.23
C PHE A 746 -36.06 -23.68 -12.43
N LEU A 747 -35.95 -22.97 -11.30
CA LEU A 747 -37.11 -22.69 -10.47
C LEU A 747 -37.58 -21.27 -10.72
N PRO A 748 -38.79 -21.07 -11.24
CA PRO A 748 -39.26 -19.72 -11.54
C PRO A 748 -39.57 -18.92 -10.28
N GLN A 749 -39.33 -17.62 -10.34
CA GLN A 749 -39.62 -16.72 -9.24
C GLN A 749 -40.99 -16.09 -9.41
N LYS A 750 -41.62 -15.74 -8.29
CA LYS A 750 -42.96 -15.17 -8.32
C LYS A 750 -42.96 -13.81 -9.02
N LYS A 751 -41.95 -12.99 -8.76
CA LYS A 751 -41.88 -11.66 -9.38
C LYS A 751 -41.80 -11.77 -10.90
N MET A 752 -40.93 -12.66 -11.40
CA MET A 752 -40.85 -12.85 -12.85
C MET A 752 -42.12 -13.46 -13.40
N ILE A 753 -42.78 -14.35 -12.65
CA ILE A 753 -44.04 -14.92 -13.10
C ILE A 753 -45.08 -13.83 -13.30
N LYS A 754 -45.21 -12.94 -12.32
CA LYS A 754 -46.19 -11.85 -12.43
C LYS A 754 -45.83 -10.89 -13.56
N GLU A 755 -44.54 -10.56 -13.69
CA GLU A 755 -44.12 -9.66 -14.75
C GLU A 755 -44.41 -10.24 -16.13
N GLN A 756 -44.14 -11.53 -16.31
CA GLN A 756 -44.43 -12.18 -17.59
C GLN A 756 -45.93 -12.28 -17.83
N ILE A 757 -46.71 -12.51 -16.77
CA ILE A 757 -48.17 -12.51 -16.92
C ILE A 757 -48.65 -11.17 -17.45
N GLU A 758 -48.12 -10.08 -16.88
CA GLU A 758 -48.48 -8.74 -17.37
C GLU A 758 -48.03 -8.54 -18.81
N TRP A 759 -46.79 -8.94 -19.12
CA TRP A 759 -46.24 -8.72 -20.45
C TRP A 759 -46.99 -9.52 -21.51
N LEU A 760 -47.58 -10.65 -21.13
CA LEU A 760 -48.35 -11.45 -22.08
C LEU A 760 -49.80 -11.04 -22.16
N ILE A 761 -50.39 -10.57 -21.06
CA ILE A 761 -51.75 -10.04 -21.13
C ILE A 761 -51.76 -8.74 -21.92
N GLU A 762 -50.64 -8.00 -21.92
CA GLU A 762 -50.58 -6.77 -22.69
C GLU A 762 -50.48 -7.01 -24.19
N HIS A 763 -50.10 -8.21 -24.62
CA HIS A 763 -49.93 -8.53 -26.03
C HIS A 763 -51.00 -9.46 -26.56
N LYS A 764 -52.13 -9.58 -25.86
CA LYS A 764 -53.30 -10.32 -26.29
C LYS A 764 -53.05 -11.82 -26.46
N TYR A 765 -51.93 -12.33 -25.96
CA TYR A 765 -51.71 -13.77 -25.99
C TYR A 765 -52.70 -14.50 -25.08
N ILE A 766 -53.00 -13.91 -23.93
CA ILE A 766 -54.00 -14.45 -23.00
C ILE A 766 -55.02 -13.35 -22.74
N ARG A 767 -56.13 -13.75 -22.12
CA ARG A 767 -57.21 -12.83 -21.81
C ARG A 767 -57.59 -12.98 -20.33
N ARG A 768 -57.89 -11.85 -19.69
CA ARG A 768 -58.27 -11.84 -18.28
C ARG A 768 -59.77 -12.02 -18.16
N ASP A 769 -60.19 -12.84 -17.19
CA ASP A 769 -61.61 -13.10 -16.99
C ASP A 769 -62.34 -11.84 -16.55
N GLU A 770 -63.51 -11.60 -17.16
CA GLU A 770 -64.25 -10.37 -16.88
C GLU A 770 -64.94 -10.41 -15.52
N SER A 771 -65.54 -11.56 -15.16
CA SER A 771 -66.32 -11.63 -13.94
C SER A 771 -65.46 -11.45 -12.69
N ASP A 772 -64.52 -12.37 -12.48
CA ASP A 772 -63.55 -12.29 -11.41
C ASP A 772 -62.16 -12.26 -12.03
N ILE A 773 -61.39 -11.23 -11.73
CA ILE A 773 -60.07 -11.06 -12.37
C ILE A 773 -59.07 -11.83 -11.51
N ASN A 774 -59.09 -13.14 -11.67
CA ASN A 774 -58.00 -14.02 -11.25
C ASN A 774 -57.68 -15.12 -12.24
N THR A 775 -58.62 -15.49 -13.11
CA THR A 775 -58.46 -16.57 -14.07
C THR A 775 -58.15 -15.99 -15.44
N PHE A 776 -57.37 -16.73 -16.22
CA PHE A 776 -56.94 -16.29 -17.54
C PHE A 776 -57.50 -17.21 -18.61
N ILE A 777 -57.76 -16.64 -19.78
CA ILE A 777 -58.30 -17.37 -20.91
C ILE A 777 -57.36 -17.16 -22.10
N TYR A 778 -57.15 -18.23 -22.87
CA TYR A 778 -56.26 -18.21 -24.01
C TYR A 778 -57.07 -18.11 -25.30
N MET A 779 -56.62 -17.24 -26.20
CA MET A 779 -57.28 -17.08 -27.49
C MET A 779 -56.28 -16.69 -28.57
N ILE B 37 -5.76 -26.91 11.20
CA ILE B 37 -5.00 -25.83 11.81
C ILE B 37 -3.79 -25.50 10.96
N GLU B 38 -3.54 -26.33 9.96
CA GLU B 38 -2.41 -26.13 9.03
C GLU B 38 -2.86 -25.87 7.61
N ASP B 39 -3.87 -26.59 7.12
CA ASP B 39 -4.47 -26.28 5.82
C ASP B 39 -5.37 -25.06 5.88
N TYR B 40 -5.65 -24.55 7.08
CA TYR B 40 -6.50 -23.39 7.23
C TYR B 40 -5.88 -22.16 6.58
N TYR B 41 -4.60 -21.91 6.83
CA TYR B 41 -3.95 -20.66 6.47
C TYR B 41 -3.24 -20.73 5.12
N VAL B 42 -3.74 -21.53 4.19
CA VAL B 42 -3.06 -21.69 2.90
C VAL B 42 -3.26 -20.46 2.02
N GLY B 43 -4.52 -20.16 1.68
CA GLY B 43 -4.79 -19.10 0.73
C GLY B 43 -5.21 -17.78 1.35
N VAL B 44 -4.58 -17.40 2.46
CA VAL B 44 -4.94 -16.15 3.12
C VAL B 44 -4.30 -14.94 2.47
N ALA B 45 -3.21 -15.12 1.72
CA ALA B 45 -2.49 -13.99 1.16
C ALA B 45 -3.29 -13.23 0.12
N SER B 46 -4.31 -13.84 -0.48
CA SER B 46 -5.10 -13.21 -1.52
C SER B 46 -6.46 -12.73 -1.04
N ASP B 47 -7.10 -13.48 -0.15
CA ASP B 47 -8.43 -13.10 0.31
C ASP B 47 -8.41 -11.81 1.12
N VAL B 48 -7.35 -11.61 1.92
CA VAL B 48 -7.28 -10.43 2.78
C VAL B 48 -7.21 -9.16 1.96
N GLU B 49 -6.71 -9.23 0.73
CA GLU B 49 -6.55 -8.06 -0.10
C GLU B 49 -7.90 -7.59 -0.64
N GLN B 50 -8.76 -7.08 0.25
CA GLN B 50 -10.05 -6.57 -0.17
C GLN B 50 -9.89 -5.36 -1.08
N GLN B 51 -8.98 -4.46 -0.75
CA GLN B 51 -8.72 -3.28 -1.55
C GLN B 51 -7.30 -2.80 -1.29
N GLY B 52 -6.67 -2.26 -2.32
CA GLY B 52 -5.31 -1.78 -2.21
C GLY B 52 -5.18 -0.54 -1.34
N PHE B 56 -3.31 6.33 -4.28
CA PHE B 56 -2.67 7.04 -3.17
C PHE B 56 -1.39 7.73 -3.64
N ASP B 57 -0.74 8.43 -2.72
CA ASP B 57 0.48 9.19 -3.01
C ASP B 57 0.25 10.11 -4.19
N PRO B 58 -0.51 11.20 -4.00
CA PRO B 58 -0.85 12.06 -5.15
C PRO B 58 0.36 12.61 -5.89
N GLU B 59 1.48 12.82 -5.22
CA GLU B 59 2.73 13.17 -5.90
C GLU B 59 3.59 11.91 -5.98
N GLU B 60 3.26 11.07 -6.96
CA GLU B 60 3.99 9.85 -7.24
C GLU B 60 4.66 9.99 -8.61
N TYR B 61 5.84 9.39 -8.74
CA TYR B 61 6.64 9.63 -9.93
C TYR B 61 7.71 8.56 -10.02
N GLN B 62 8.02 8.13 -11.25
CA GLN B 62 9.00 7.07 -11.49
C GLN B 62 10.14 7.63 -12.34
N PHE B 63 11.21 8.07 -11.69
CA PHE B 63 12.38 8.61 -12.37
C PHE B 63 13.45 7.52 -12.45
N THR B 64 13.87 7.21 -13.66
CA THR B 64 14.99 6.29 -13.87
C THR B 64 16.29 7.07 -13.84
N CYS B 65 17.27 6.55 -13.10
CA CYS B 65 18.53 7.24 -12.88
C CYS B 65 19.56 6.73 -13.89
N LEU B 66 20.12 7.65 -14.68
CA LEU B 66 21.07 7.30 -15.72
C LEU B 66 22.35 8.10 -15.54
N THR B 67 23.47 7.50 -15.92
CA THR B 67 24.77 8.13 -15.80
C THR B 67 25.10 8.96 -17.04
N TYR B 68 26.31 9.53 -17.06
CA TYR B 68 26.70 10.39 -18.17
C TYR B 68 26.85 9.62 -19.47
N LYS B 69 27.25 8.35 -19.40
CA LYS B 69 27.47 7.56 -20.61
C LYS B 69 26.21 6.81 -21.05
N GLU B 70 25.35 6.42 -20.11
CA GLU B 70 24.10 5.76 -20.49
C GLU B 70 23.22 6.67 -21.31
N SER B 71 23.18 7.96 -20.97
CA SER B 71 22.42 8.92 -21.75
C SER B 71 22.96 9.03 -23.17
N GLU B 72 24.29 9.08 -23.30
CA GLU B 72 24.89 9.13 -24.63
C GLU B 72 24.56 7.88 -25.42
N GLY B 73 24.60 6.71 -24.77
CA GLY B 73 24.23 5.49 -25.45
C GLY B 73 22.77 5.50 -25.92
N ALA B 74 21.88 6.01 -25.08
CA ALA B 74 20.47 6.12 -25.48
C ALA B 74 20.30 7.06 -26.67
N LEU B 75 20.99 8.20 -26.65
CA LEU B 75 20.93 9.12 -27.78
C LEU B 75 21.45 8.46 -29.05
N ASN B 76 22.55 7.73 -28.95
CA ASN B 76 23.10 7.05 -30.11
C ASN B 76 22.14 5.99 -30.64
N GLU B 77 21.50 5.24 -29.75
CA GLU B 77 20.54 4.23 -30.17
C GLU B 77 19.35 4.86 -30.90
N HIS B 78 18.82 5.94 -30.34
CA HIS B 78 17.70 6.63 -30.99
C HIS B 78 18.11 7.16 -32.36
N MET B 79 19.30 7.75 -32.44
CA MET B 79 19.76 8.30 -33.72
C MET B 79 19.96 7.21 -34.75
N THR B 80 20.52 6.06 -34.35
CA THR B 80 20.69 4.94 -35.27
C THR B 80 19.34 4.45 -35.77
N SER B 81 18.37 4.29 -34.86
CA SER B 81 17.05 3.82 -35.26
C SER B 81 16.41 4.79 -36.25
N LEU B 82 16.47 6.09 -35.96
CA LEU B 82 15.85 7.06 -36.86
C LEU B 82 16.54 7.10 -38.21
N ALA B 83 17.88 7.06 -38.21
CA ALA B 83 18.62 7.09 -39.48
C ALA B 83 18.31 5.86 -40.32
N SER B 84 18.22 4.68 -39.69
CA SER B 84 17.86 3.48 -40.42
C SER B 84 16.45 3.59 -40.98
N VAL B 85 15.51 4.11 -40.20
CA VAL B 85 14.11 4.15 -40.63
C VAL B 85 13.95 5.10 -41.80
N LEU B 86 14.50 6.30 -41.70
CA LEU B 86 14.32 7.32 -42.73
C LEU B 86 15.35 7.24 -43.86
N LYS B 87 16.30 6.32 -43.77
CA LYS B 87 17.35 6.18 -44.79
C LYS B 87 18.10 7.49 -45.00
N VAL B 88 18.51 8.10 -43.88
CA VAL B 88 19.20 9.38 -43.89
C VAL B 88 20.48 9.24 -43.07
N SER B 89 21.37 10.23 -43.23
CA SER B 89 22.65 10.20 -42.56
C SER B 89 22.47 10.49 -41.07
N HIS B 90 23.58 10.39 -40.33
CA HIS B 90 23.52 10.55 -38.88
C HIS B 90 23.28 12.00 -38.48
N SER B 91 24.00 12.94 -39.11
CA SER B 91 23.89 14.34 -38.73
C SER B 91 22.50 14.90 -39.01
N VAL B 92 21.93 14.57 -40.18
CA VAL B 92 20.59 15.05 -40.48
C VAL B 92 19.57 14.41 -39.54
N ALA B 93 19.78 13.14 -39.16
CA ALA B 93 18.88 12.52 -38.19
C ALA B 93 18.96 13.23 -36.85
N LYS B 94 20.16 13.61 -36.42
CA LYS B 94 20.29 14.38 -35.18
C LYS B 94 19.59 15.72 -35.29
N LEU B 95 19.70 16.38 -36.44
CA LEU B 95 18.99 17.64 -36.64
C LEU B 95 17.48 17.45 -36.55
N ILE B 96 16.98 16.37 -37.17
CA ILE B 96 15.55 16.06 -37.09
C ILE B 96 15.13 15.86 -35.63
N LEU B 97 15.92 15.09 -34.88
CA LEU B 97 15.59 14.82 -33.49
C LEU B 97 15.59 16.09 -32.65
N VAL B 98 16.58 16.96 -32.86
CA VAL B 98 16.65 18.20 -32.10
C VAL B 98 15.46 19.09 -32.42
N ASN B 99 15.13 19.24 -33.72
CA ASN B 99 14.06 20.14 -34.11
C ASN B 99 12.69 19.67 -33.64
N PHE B 100 12.53 18.37 -33.37
CA PHE B 100 11.23 17.82 -32.98
C PHE B 100 11.27 17.20 -31.59
N HIS B 101 12.24 17.57 -30.76
CA HIS B 101 12.31 17.16 -29.36
C HIS B 101 12.38 15.65 -29.20
N TRP B 102 13.00 14.97 -30.17
CA TRP B 102 13.28 13.53 -30.08
C TRP B 102 12.01 12.72 -29.87
N GLN B 103 10.93 13.10 -30.55
CA GLN B 103 9.66 12.40 -30.49
C GLN B 103 9.49 11.61 -31.79
N VAL B 104 9.84 10.32 -31.74
CA VAL B 104 9.96 9.53 -32.96
C VAL B 104 8.62 9.42 -33.69
N SER B 105 7.53 9.22 -32.95
CA SER B 105 6.24 9.02 -33.59
C SER B 105 5.81 10.24 -34.39
N GLU B 106 5.98 11.43 -33.82
CA GLU B 106 5.63 12.65 -34.54
C GLU B 106 6.52 12.85 -35.75
N ILE B 107 7.81 12.51 -35.63
CA ILE B 107 8.71 12.59 -36.77
C ILE B 107 8.24 11.69 -37.90
N LEU B 108 7.87 10.45 -37.57
CA LEU B 108 7.40 9.52 -38.60
C LEU B 108 6.11 10.02 -39.24
N ASP B 109 5.19 10.52 -38.42
CA ASP B 109 3.92 11.01 -38.95
C ASP B 109 4.13 12.20 -39.89
N ARG B 110 5.01 13.13 -39.51
CA ARG B 110 5.27 14.28 -40.36
C ARG B 110 6.05 13.89 -41.62
N TYR B 111 6.94 12.90 -41.52
CA TYR B 111 7.65 12.42 -42.69
C TYR B 111 6.70 11.79 -43.70
N LYS B 112 5.74 10.98 -43.21
CA LYS B 112 4.77 10.37 -44.11
C LYS B 112 3.84 11.44 -44.71
N SER B 113 3.44 12.43 -43.92
CA SER B 113 2.56 13.47 -44.42
C SER B 113 3.22 14.27 -45.52
N ASN B 114 4.42 14.79 -45.27
CA ASN B 114 5.15 15.56 -46.27
C ASN B 114 6.62 15.60 -45.86
N SER B 115 7.48 14.99 -46.66
CA SER B 115 8.90 14.95 -46.35
C SER B 115 9.60 16.27 -46.68
N ALA B 116 9.10 17.01 -47.67
CA ALA B 116 9.77 18.23 -48.09
C ALA B 116 9.77 19.28 -47.00
N GLN B 117 8.61 19.49 -46.36
CA GLN B 117 8.53 20.50 -45.30
C GLN B 117 9.22 20.03 -44.02
N LEU B 118 9.34 18.72 -43.81
CA LEU B 118 10.00 18.23 -42.61
C LEU B 118 11.46 18.65 -42.58
N LEU B 119 12.15 18.56 -43.71
CA LEU B 119 13.55 18.97 -43.77
C LEU B 119 13.69 20.48 -43.74
N VAL B 120 12.72 21.21 -44.29
CA VAL B 120 12.77 22.67 -44.25
C VAL B 120 12.62 23.16 -42.81
N GLU B 121 11.64 22.63 -42.09
CA GLU B 121 11.43 23.05 -40.71
C GLU B 121 12.61 22.66 -39.84
N ALA B 122 13.18 21.48 -40.06
CA ALA B 122 14.39 21.06 -39.37
C ALA B 122 15.64 21.75 -39.88
N ARG B 123 15.49 22.75 -40.75
CA ARG B 123 16.60 23.55 -41.25
C ARG B 123 17.65 22.71 -41.96
N VAL B 124 17.20 21.64 -42.63
CA VAL B 124 18.10 20.78 -43.39
C VAL B 124 18.24 21.27 -44.84
N GLN B 125 17.12 21.62 -45.46
CA GLN B 125 17.11 22.07 -46.84
C GLN B 125 16.43 23.45 -46.94
N PRO B 126 16.80 24.26 -47.92
CA PRO B 126 16.18 25.58 -48.05
C PRO B 126 14.75 25.48 -48.54
N ASN B 127 14.00 26.55 -48.29
CA ASN B 127 12.61 26.61 -48.74
C ASN B 127 12.56 26.64 -50.26
N PRO B 128 11.72 25.84 -50.90
CA PRO B 128 11.62 25.89 -52.37
C PRO B 128 11.21 27.24 -52.92
N SER B 129 10.38 27.98 -52.19
CA SER B 129 9.94 29.30 -52.62
C SER B 129 10.88 30.38 -52.10
N HIS B 136 29.63 27.91 -62.61
CA HIS B 136 28.63 28.38 -61.65
C HIS B 136 29.25 28.58 -60.27
N PRO B 137 30.54 28.30 -60.14
CA PRO B 137 31.22 28.50 -58.87
C PRO B 137 31.59 29.97 -58.67
N PRO B 138 31.41 30.49 -57.46
CA PRO B 138 31.69 31.93 -57.24
C PRO B 138 33.17 32.25 -57.25
N HIS B 139 33.98 31.39 -56.61
CA HIS B 139 35.42 31.60 -56.48
C HIS B 139 35.73 32.94 -55.82
N HIS B 140 34.85 33.38 -54.92
CA HIS B 140 35.01 34.65 -54.23
C HIS B 140 34.17 34.61 -52.97
N CYS B 141 34.82 34.60 -51.80
CA CYS B 141 34.10 34.58 -50.54
C CYS B 141 33.41 35.92 -50.32
N ALA B 142 32.14 35.86 -49.91
CA ALA B 142 31.35 37.07 -49.70
C ALA B 142 31.67 37.79 -48.41
N VAL B 143 32.39 37.15 -47.48
CA VAL B 143 32.69 37.75 -46.19
C VAL B 143 34.15 38.15 -46.04
N CYS B 144 35.05 37.62 -46.85
CA CYS B 144 36.45 38.04 -46.85
C CYS B 144 36.89 38.66 -48.16
N MET B 145 36.03 38.64 -49.18
CA MET B 145 36.27 39.33 -50.45
C MET B 145 37.55 38.86 -51.14
N GLN B 146 37.97 37.63 -50.91
CA GLN B 146 39.21 37.11 -51.48
C GLN B 146 38.91 35.89 -52.33
N PHE B 147 39.49 35.84 -53.52
CA PHE B 147 39.32 34.70 -54.41
C PHE B 147 40.06 33.49 -53.87
N VAL B 148 39.40 32.34 -53.87
CA VAL B 148 39.95 31.10 -53.34
C VAL B 148 39.71 29.98 -54.36
N ARG B 149 40.33 28.84 -54.10
CA ARG B 149 40.15 27.68 -54.97
C ARG B 149 38.77 27.06 -54.77
N LYS B 150 38.36 26.26 -55.74
CA LYS B 150 37.03 25.65 -55.70
C LYS B 150 36.90 24.68 -54.53
N GLU B 151 37.94 23.89 -54.26
CA GLU B 151 37.87 22.88 -53.21
C GLU B 151 37.70 23.49 -51.84
N ASN B 152 38.23 24.70 -51.63
CA ASN B 152 38.13 25.38 -50.34
C ASN B 152 36.83 26.15 -50.19
N LEU B 153 35.94 26.07 -51.18
CA LEU B 153 34.67 26.79 -51.18
C LEU B 153 33.56 25.80 -50.81
N LEU B 154 33.33 25.64 -49.51
CA LEU B 154 32.31 24.75 -49.01
C LEU B 154 30.97 25.47 -48.92
N SER B 155 29.88 24.69 -48.92
CA SER B 155 28.55 25.25 -48.82
C SER B 155 27.60 24.19 -48.28
N LEU B 156 26.47 24.66 -47.76
CA LEU B 156 25.41 23.79 -47.28
C LEU B 156 24.39 23.56 -48.40
N ALA B 157 23.23 23.00 -48.07
CA ALA B 157 22.18 22.80 -49.05
C ALA B 157 21.65 24.12 -49.60
N CYS B 158 21.86 25.22 -48.89
CA CYS B 158 21.47 26.54 -49.38
C CYS B 158 22.35 27.02 -50.52
N GLN B 159 23.45 26.33 -50.81
CA GLN B 159 24.40 26.70 -51.85
C GLN B 159 24.99 28.09 -51.61
N HIS B 160 25.12 28.47 -50.34
CA HIS B 160 25.80 29.70 -49.96
C HIS B 160 27.28 29.35 -49.77
N GLN B 161 28.11 29.75 -50.73
CA GLN B 161 29.49 29.31 -50.79
C GLN B 161 30.41 30.32 -50.13
N PHE B 162 31.31 29.82 -49.28
CA PHE B 162 32.29 30.65 -48.58
C PHE B 162 33.59 29.86 -48.46
N CYS B 163 34.70 30.58 -48.31
CA CYS B 163 36.00 29.93 -48.29
C CYS B 163 36.22 29.19 -46.98
N ARG B 164 37.11 28.20 -47.02
CA ARG B 164 37.29 27.29 -45.89
C ARG B 164 37.79 28.01 -44.66
N SER B 165 38.68 28.99 -44.83
CA SER B 165 39.22 29.71 -43.67
C SER B 165 38.12 30.46 -42.93
N CYS B 166 37.20 31.09 -43.66
CA CYS B 166 36.08 31.76 -43.01
C CYS B 166 35.18 30.76 -42.29
N TRP B 167 34.96 29.58 -42.88
CA TRP B 167 34.20 28.53 -42.20
C TRP B 167 34.87 28.15 -40.88
N GLU B 168 36.19 27.96 -40.90
CA GLU B 168 36.91 27.61 -39.69
C GLU B 168 36.81 28.71 -38.65
N GLN B 169 36.97 29.97 -39.08
CA GLN B 169 36.88 31.08 -38.13
C GLN B 169 35.50 31.15 -37.50
N HIS B 170 34.45 31.02 -38.30
CA HIS B 170 33.09 31.10 -37.78
C HIS B 170 32.79 29.96 -36.82
N CYS B 171 33.16 28.74 -37.20
CA CYS B 171 32.91 27.60 -36.31
C CYS B 171 33.72 27.73 -35.03
N SER B 172 34.96 28.21 -35.12
CA SER B 172 35.79 28.37 -33.93
C SER B 172 35.20 29.41 -32.98
N VAL B 173 34.78 30.56 -33.51
CA VAL B 173 34.23 31.59 -32.63
C VAL B 173 32.91 31.14 -32.02
N LEU B 174 32.09 30.43 -32.80
CA LEU B 174 30.83 29.94 -32.25
C LEU B 174 31.07 28.91 -31.15
N VAL B 175 31.98 27.96 -31.37
CA VAL B 175 32.22 26.94 -30.36
C VAL B 175 32.90 27.55 -29.14
N LYS B 176 33.70 28.60 -29.32
CA LYS B 176 34.26 29.29 -28.17
C LYS B 176 33.18 30.02 -27.39
N ASP B 177 32.16 30.55 -28.07
CA ASP B 177 31.08 31.26 -27.41
C ASP B 177 30.05 30.32 -26.78
N GLY B 178 30.37 29.04 -26.64
CA GLY B 178 29.44 28.09 -26.05
C GLY B 178 28.30 27.67 -26.93
N VAL B 179 28.33 28.01 -28.22
CA VAL B 179 27.26 27.65 -29.14
C VAL B 179 27.39 26.17 -29.50
N GLY B 180 26.29 25.44 -29.33
CA GLY B 180 26.28 24.03 -29.68
C GLY B 180 25.60 23.78 -31.02
N VAL B 181 24.33 23.37 -30.98
CA VAL B 181 23.58 23.12 -32.20
C VAL B 181 23.18 24.40 -32.91
N GLY B 182 23.56 25.56 -32.39
CA GLY B 182 23.19 26.83 -32.96
C GLY B 182 24.02 27.30 -34.13
N VAL B 183 25.00 26.51 -34.56
CA VAL B 183 25.84 26.91 -35.69
C VAL B 183 25.00 26.90 -36.96
N SER B 184 25.03 28.00 -37.70
CA SER B 184 24.18 28.18 -38.88
C SER B 184 25.01 28.78 -40.01
N CYS B 185 24.34 29.00 -41.13
CA CYS B 185 25.00 29.58 -42.30
C CYS B 185 25.35 31.05 -42.05
N MET B 186 26.43 31.51 -42.69
CA MET B 186 26.86 32.89 -42.51
C MET B 186 25.89 33.86 -43.17
N ALA B 187 25.33 33.48 -44.32
CA ALA B 187 24.46 34.39 -45.06
C ALA B 187 23.28 34.82 -44.21
N GLN B 188 22.98 36.11 -44.23
CA GLN B 188 21.89 36.65 -43.43
C GLN B 188 20.55 36.08 -43.88
N ASP B 189 19.65 35.92 -42.92
CA ASP B 189 18.30 35.41 -43.09
C ASP B 189 18.27 33.92 -43.43
N CYS B 190 19.43 33.28 -43.56
CA CYS B 190 19.46 31.86 -43.89
C CYS B 190 19.26 31.03 -42.61
N PRO B 191 18.20 30.22 -42.52
CA PRO B 191 17.98 29.42 -41.31
C PRO B 191 18.71 28.09 -41.30
N LEU B 192 19.38 27.70 -42.38
CA LEU B 192 20.01 26.40 -42.44
C LEU B 192 21.14 26.30 -41.41
N ARG B 193 21.31 25.10 -40.86
CA ARG B 193 22.30 24.85 -39.82
C ARG B 193 23.34 23.86 -40.33
N THR B 194 24.56 24.01 -39.85
CA THR B 194 25.66 23.13 -40.25
C THR B 194 25.54 21.80 -39.53
N PRO B 195 25.50 20.67 -40.25
CA PRO B 195 25.42 19.36 -39.59
C PRO B 195 26.73 19.01 -38.90
N GLU B 196 26.68 17.93 -38.11
CA GLU B 196 27.84 17.53 -37.32
C GLU B 196 29.01 17.15 -38.21
N ASP B 197 28.76 16.40 -39.27
CA ASP B 197 29.85 15.96 -40.16
C ASP B 197 30.48 17.11 -40.92
N PHE B 198 29.85 18.31 -40.90
CA PHE B 198 30.44 19.48 -41.52
C PHE B 198 31.26 20.31 -40.54
N VAL B 199 30.83 20.40 -39.28
CA VAL B 199 31.54 21.21 -38.29
C VAL B 199 32.85 20.56 -37.90
N PHE B 200 32.84 19.24 -37.70
CA PHE B 200 34.01 18.55 -37.15
C PHE B 200 35.27 18.71 -37.99
N PRO B 201 35.25 18.55 -39.33
CA PRO B 201 36.49 18.76 -40.10
C PRO B 201 37.01 20.18 -40.01
N LEU B 202 36.17 21.16 -39.68
CA LEU B 202 36.59 22.54 -39.57
C LEU B 202 37.18 22.87 -38.20
N LEU B 203 37.22 21.91 -37.28
CA LEU B 203 37.77 22.13 -35.95
C LEU B 203 39.21 21.63 -35.92
N PRO B 204 40.20 22.52 -35.78
CA PRO B 204 41.60 22.09 -35.92
C PRO B 204 42.10 21.18 -34.81
N ASN B 205 41.93 21.61 -33.56
CA ASN B 205 42.51 20.91 -32.42
C ASN B 205 41.46 20.07 -31.70
N GLU B 206 41.95 19.22 -30.79
CA GLU B 206 41.07 18.29 -30.10
C GLU B 206 40.22 18.98 -29.04
N GLU B 207 40.75 20.04 -28.41
CA GLU B 207 39.99 20.70 -27.35
C GLU B 207 38.74 21.38 -27.90
N LEU B 208 38.85 22.01 -29.08
CA LEU B 208 37.67 22.58 -29.71
C LEU B 208 36.68 21.49 -30.10
N ARG B 209 37.19 20.35 -30.57
CA ARG B 209 36.33 19.21 -30.86
C ARG B 209 35.65 18.71 -29.60
N GLU B 210 36.39 18.61 -28.50
CA GLU B 210 35.80 18.14 -27.25
C GLU B 210 34.77 19.12 -26.71
N LYS B 211 35.06 20.42 -26.79
CA LYS B 211 34.08 21.42 -26.36
C LYS B 211 32.83 21.36 -27.24
N TYR B 212 33.01 21.17 -28.54
CA TYR B 212 31.87 21.01 -29.44
C TYR B 212 31.04 19.79 -29.06
N ARG B 213 31.71 18.68 -28.73
CA ARG B 213 30.99 17.48 -28.30
C ARG B 213 30.22 17.73 -27.01
N ARG B 214 30.84 18.42 -26.06
CA ARG B 214 30.16 18.71 -24.80
C ARG B 214 28.93 19.58 -25.02
N TYR B 215 29.06 20.62 -25.84
CA TYR B 215 27.92 21.50 -26.10
C TYR B 215 26.83 20.76 -26.87
N LEU B 216 27.21 19.90 -27.81
CA LEU B 216 26.23 19.09 -28.52
C LEU B 216 25.48 18.18 -27.56
N PHE B 217 26.20 17.54 -26.64
CA PHE B 217 25.54 16.68 -25.66
C PHE B 217 24.58 17.46 -24.78
N ARG B 218 25.01 18.65 -24.33
CA ARG B 218 24.15 19.48 -23.50
C ARG B 218 22.87 19.87 -24.24
N ASP B 219 23.02 20.29 -25.50
CA ASP B 219 21.85 20.66 -26.29
C ASP B 219 20.95 19.46 -26.55
N TYR B 220 21.54 18.29 -26.78
CA TYR B 220 20.74 17.09 -26.99
C TYR B 220 19.93 16.73 -25.75
N VAL B 221 20.55 16.83 -24.57
CA VAL B 221 19.83 16.55 -23.34
C VAL B 221 18.72 17.57 -23.13
N GLU B 222 19.01 18.85 -23.40
CA GLU B 222 18.00 19.89 -23.23
C GLU B 222 16.81 19.67 -24.15
N SER B 223 17.08 19.40 -25.43
CA SER B 223 16.00 19.28 -26.40
C SER B 223 15.22 17.97 -26.25
N HIS B 224 15.82 16.94 -25.66
CA HIS B 224 15.13 15.68 -25.45
C HIS B 224 13.98 15.87 -24.48
N TYR B 225 12.81 15.32 -24.81
CA TYR B 225 11.62 15.49 -24.00
C TYR B 225 11.55 14.50 -22.84
N GLN B 226 12.60 13.73 -22.61
CA GLN B 226 12.63 12.78 -21.51
C GLN B 226 13.91 12.83 -20.70
N LEU B 227 14.85 13.70 -21.03
CA LEU B 227 16.12 13.80 -20.33
C LEU B 227 16.33 15.22 -19.82
N GLN B 228 16.81 15.33 -18.58
CA GLN B 228 17.06 16.63 -17.97
C GLN B 228 18.36 16.57 -17.18
N LEU B 229 19.22 17.57 -17.39
CA LEU B 229 20.48 17.63 -16.66
C LEU B 229 20.25 17.92 -15.19
N CYS B 230 21.18 17.45 -14.36
CA CYS B 230 21.12 17.76 -12.94
C CYS B 230 21.44 19.23 -12.73
N PRO B 231 20.65 19.97 -11.94
CA PRO B 231 20.92 21.39 -11.75
C PRO B 231 21.97 21.64 -10.67
N GLY B 232 22.72 20.60 -10.30
CA GLY B 232 23.69 20.70 -9.24
C GLY B 232 24.97 21.36 -9.67
N ALA B 233 25.91 21.43 -8.73
CA ALA B 233 27.23 22.02 -8.97
C ALA B 233 28.13 20.93 -9.54
N ASP B 234 28.26 20.93 -10.87
CA ASP B 234 29.11 19.98 -11.59
C ASP B 234 28.70 18.53 -11.33
N CYS B 235 27.40 18.28 -11.18
CA CYS B 235 26.92 16.92 -11.03
C CYS B 235 26.76 16.30 -12.41
N PRO B 236 27.55 15.27 -12.75
CA PRO B 236 27.50 14.68 -14.10
C PRO B 236 26.43 13.59 -14.20
N MET B 237 25.17 13.97 -14.06
CA MET B 237 24.07 13.02 -14.02
C MET B 237 22.94 13.52 -14.90
N VAL B 238 22.11 12.57 -15.35
CA VAL B 238 20.95 12.86 -16.19
C VAL B 238 19.79 12.01 -15.70
N ILE B 239 18.60 12.62 -15.62
CA ILE B 239 17.40 11.94 -15.16
C ILE B 239 16.53 11.61 -16.37
N ARG B 240 16.05 10.38 -16.44
CA ARG B 240 15.24 9.90 -17.54
C ARG B 240 13.89 9.41 -17.02
N VAL B 241 12.84 9.67 -17.80
CA VAL B 241 11.48 9.31 -17.42
C VAL B 241 10.68 9.06 -18.69
N GLN B 242 9.56 8.34 -18.54
CA GLN B 242 8.74 7.99 -19.70
C GLN B 242 8.10 9.24 -20.32
N GLU B 243 7.46 10.06 -19.51
CA GLU B 243 6.78 11.24 -20.00
C GLU B 243 7.16 12.45 -19.16
N PRO B 244 7.22 13.64 -19.78
CA PRO B 244 7.62 14.84 -19.03
C PRO B 244 6.45 15.42 -18.26
N ARG B 245 6.69 15.77 -17.00
CA ARG B 245 5.68 16.36 -16.14
C ARG B 245 6.39 17.24 -15.11
N ALA B 246 5.61 17.90 -14.28
CA ALA B 246 6.13 18.78 -13.22
C ALA B 246 5.92 18.06 -11.88
N ARG B 247 6.88 17.21 -11.53
CA ARG B 247 6.83 16.47 -10.27
C ARG B 247 8.16 16.53 -9.55
N ARG B 248 8.31 15.74 -8.49
CA ARG B 248 9.51 15.78 -7.66
C ARG B 248 10.51 14.74 -8.14
N VAL B 249 11.75 15.17 -8.36
CA VAL B 249 12.84 14.28 -8.72
C VAL B 249 13.98 14.53 -7.74
N GLN B 250 14.74 13.48 -7.42
CA GLN B 250 15.88 13.59 -6.53
C GLN B 250 17.05 12.83 -7.13
N CYS B 251 18.11 13.56 -7.48
CA CYS B 251 19.33 12.94 -7.97
C CYS B 251 19.98 12.15 -6.83
N ASN B 252 20.04 10.83 -6.98
CA ASN B 252 20.54 9.97 -5.92
C ASN B 252 22.02 10.20 -5.62
N ARG B 253 22.75 10.87 -6.51
CA ARG B 253 24.18 11.10 -6.32
C ARG B 253 24.47 12.29 -5.41
N CYS B 254 23.76 13.41 -5.61
CA CYS B 254 23.98 14.61 -4.81
C CYS B 254 22.77 14.98 -3.97
N ASN B 255 21.71 14.19 -4.00
CA ASN B 255 20.54 14.38 -3.13
C ASN B 255 19.92 15.76 -3.31
N GLU B 256 19.70 16.17 -4.56
CA GLU B 256 19.06 17.44 -4.87
C GLU B 256 17.63 17.19 -5.32
N VAL B 257 16.69 17.91 -4.74
CA VAL B 257 15.28 17.84 -5.10
C VAL B 257 14.93 19.06 -5.94
N PHE B 258 14.33 18.83 -7.10
CA PHE B 258 13.97 19.93 -7.99
C PHE B 258 12.81 19.50 -8.88
N CYS B 259 12.13 20.50 -9.44
CA CYS B 259 11.05 20.24 -10.37
C CYS B 259 11.61 19.73 -11.69
N PHE B 260 10.87 18.82 -12.33
CA PHE B 260 11.37 18.19 -13.55
C PHE B 260 11.28 19.12 -14.75
N LYS B 261 10.08 19.68 -15.01
CA LYS B 261 9.89 20.48 -16.21
C LYS B 261 10.76 21.72 -16.18
N CYS B 262 10.84 22.40 -15.04
CA CYS B 262 11.75 23.52 -14.84
C CYS B 262 12.70 23.16 -13.70
N ARG B 263 14.00 23.28 -13.96
CA ARG B 263 15.00 22.87 -12.97
C ARG B 263 15.09 23.92 -11.86
N GLN B 264 14.01 24.00 -11.09
CA GLN B 264 13.89 24.89 -9.95
C GLN B 264 13.39 24.09 -8.75
N MET B 265 13.22 24.78 -7.62
CA MET B 265 12.77 24.10 -6.41
C MET B 265 11.37 23.54 -6.60
N TYR B 266 11.07 22.49 -5.85
CA TYR B 266 9.83 21.74 -6.05
C TYR B 266 8.64 22.58 -5.57
N HIS B 267 7.96 23.20 -6.52
CA HIS B 267 6.71 23.94 -6.25
C HIS B 267 5.56 22.95 -6.39
N ALA B 268 5.00 22.52 -5.26
CA ALA B 268 4.08 21.38 -5.30
C ALA B 268 2.73 21.75 -5.91
N PRO B 269 1.94 22.67 -5.35
CA PRO B 269 0.58 22.86 -5.87
C PRO B 269 0.48 23.85 -7.01
N THR B 270 1.43 24.77 -7.11
CA THR B 270 1.40 25.80 -8.14
C THR B 270 1.88 25.22 -9.47
N ASP B 271 2.02 26.09 -10.46
CA ASP B 271 2.61 25.73 -11.74
C ASP B 271 3.92 26.48 -11.92
N CYS B 272 4.64 26.11 -12.99
CA CYS B 272 5.98 26.64 -13.20
C CYS B 272 5.99 28.10 -13.60
N ALA B 273 4.84 28.70 -13.89
CA ALA B 273 4.77 30.10 -14.27
C ALA B 273 4.43 31.01 -13.09
N THR B 274 3.50 30.60 -12.22
CA THR B 274 3.11 31.44 -11.10
C THR B 274 4.26 31.62 -10.11
N ILE B 275 4.98 30.54 -9.80
CA ILE B 275 6.05 30.63 -8.83
C ILE B 275 7.17 31.55 -9.33
N ARG B 276 7.41 31.55 -10.64
CA ARG B 276 8.46 32.41 -11.20
C ARG B 276 8.14 33.89 -10.94
N LYS B 277 6.92 34.31 -11.26
CA LYS B 277 6.56 35.71 -11.05
C LYS B 277 6.44 36.05 -9.57
N TRP B 278 6.03 35.08 -8.74
CA TRP B 278 5.99 35.33 -7.30
C TRP B 278 7.38 35.57 -6.76
N LEU B 279 8.36 34.76 -7.19
CA LEU B 279 9.73 34.97 -6.75
C LEU B 279 10.32 36.25 -7.31
N THR B 280 9.93 36.62 -8.54
CA THR B 280 10.37 37.89 -9.10
C THR B 280 9.85 39.06 -8.29
N LYS B 281 8.59 39.01 -7.88
CA LYS B 281 8.00 40.10 -7.11
C LYS B 281 8.65 40.23 -5.73
N CYS B 282 8.91 39.09 -5.08
CA CYS B 282 9.44 39.13 -3.72
C CYS B 282 10.83 39.75 -3.66
N ALA B 283 11.59 39.73 -4.76
CA ALA B 283 12.93 40.29 -4.75
C ALA B 283 12.87 41.82 -4.68
N ASP B 284 12.23 42.45 -5.65
CA ASP B 284 12.13 43.90 -5.70
C ASP B 284 10.73 44.37 -5.35
N ASN B 353 -14.84 52.67 -7.55
CA ASN B 353 -15.42 53.20 -6.32
C ASN B 353 -14.50 54.23 -5.67
N GLN B 354 -13.39 53.77 -5.10
CA GLN B 354 -12.43 54.64 -4.44
C GLN B 354 -11.32 55.04 -5.40
N SER B 355 -10.38 55.83 -4.91
CA SER B 355 -9.26 56.28 -5.72
C SER B 355 -8.29 55.13 -6.00
N GLN B 356 -7.43 55.34 -6.99
CA GLN B 356 -6.44 54.33 -7.35
C GLN B 356 -5.42 54.12 -6.23
N GLN B 357 -5.06 55.17 -5.50
CA GLN B 357 -4.09 55.04 -4.42
C GLN B 357 -4.64 54.17 -3.29
N ALA B 358 -5.93 54.32 -2.97
CA ALA B 358 -6.54 53.45 -1.98
C ALA B 358 -6.52 52.00 -2.43
N GLN B 359 -6.76 51.76 -3.73
CA GLN B 359 -6.64 50.41 -4.27
C GLN B 359 -5.22 49.89 -4.13
N ALA B 360 -4.23 50.75 -4.35
CA ALA B 360 -2.84 50.34 -4.18
C ALA B 360 -2.55 49.96 -2.73
N ARG B 361 -3.06 50.75 -1.79
CA ARG B 361 -2.87 50.42 -0.38
C ARG B 361 -3.53 49.09 -0.02
N GLU B 362 -4.75 48.86 -0.52
CA GLU B 362 -5.42 47.59 -0.28
C GLU B 362 -4.65 46.43 -0.88
N ALA B 363 -4.11 46.62 -2.09
CA ALA B 363 -3.32 45.58 -2.73
C ALA B 363 -2.06 45.27 -1.93
N LEU B 364 -1.41 46.32 -1.40
CA LEU B 364 -0.24 46.10 -0.56
C LEU B 364 -0.59 45.32 0.70
N LYS B 365 -1.73 45.64 1.32
CA LYS B 365 -2.16 44.90 2.49
C LYS B 365 -2.42 43.43 2.16
N LYS B 366 -3.10 43.18 1.04
CA LYS B 366 -3.38 41.80 0.65
C LYS B 366 -2.10 41.04 0.33
N TYR B 367 -1.14 41.69 -0.32
CA TYR B 367 0.13 41.05 -0.60
C TYR B 367 0.86 40.70 0.69
N LEU B 368 0.86 41.61 1.66
CA LEU B 368 1.51 41.35 2.94
C LEU B 368 0.84 40.18 3.65
N PHE B 369 -0.48 40.09 3.57
CA PHE B 369 -1.21 39.03 4.27
C PHE B 369 -0.73 37.65 3.88
N TYR B 370 -0.25 37.47 2.65
CA TYR B 370 0.31 36.21 2.20
C TYR B 370 1.82 36.13 2.36
N PHE B 371 2.53 37.24 2.15
CA PHE B 371 3.97 37.22 2.25
C PHE B 371 4.43 36.93 3.67
N GLU B 372 3.69 37.40 4.68
CA GLU B 372 4.11 37.12 6.06
C GLU B 372 4.08 35.63 6.35
N ARG B 373 3.03 34.92 5.91
CA ARG B 373 2.96 33.48 6.11
C ARG B 373 4.02 32.77 5.30
N TRP B 374 4.26 33.23 4.06
CA TRP B 374 5.32 32.64 3.25
C TRP B 374 6.66 32.71 3.96
N GLU B 375 7.01 33.89 4.47
CA GLU B 375 8.28 34.05 5.16
C GLU B 375 8.33 33.23 6.44
N ASN B 376 7.22 33.20 7.19
CA ASN B 376 7.18 32.41 8.42
C ASN B 376 7.50 30.95 8.14
N HIS B 377 6.80 30.35 7.18
CA HIS B 377 7.04 28.95 6.87
C HIS B 377 8.42 28.73 6.27
N ASN B 378 8.92 29.68 5.47
CA ASN B 378 10.26 29.55 4.93
C ASN B 378 11.30 29.47 6.03
N LYS B 379 11.23 30.38 7.00
CA LYS B 379 12.20 30.36 8.09
C LYS B 379 12.05 29.12 8.96
N SER B 380 10.80 28.72 9.23
CA SER B 380 10.57 27.54 10.05
C SER B 380 11.16 26.29 9.39
N LEU B 381 11.00 26.17 8.07
CA LEU B 381 11.60 25.05 7.37
C LEU B 381 13.13 25.16 7.34
N GLN B 382 13.66 26.36 7.17
CA GLN B 382 15.10 26.55 7.12
C GLN B 382 15.77 26.26 8.45
N ALA B 383 15.03 26.31 9.56
CA ALA B 383 15.60 26.06 10.88
C ALA B 383 15.30 24.65 11.40
N ALA B 384 15.35 23.64 10.54
CA ALA B 384 14.95 22.29 10.92
C ALA B 384 16.09 21.44 11.47
N ALA B 385 17.35 21.74 11.13
CA ALA B 385 18.46 20.94 11.64
C ALA B 385 18.57 21.05 13.16
N GLN B 386 18.36 22.26 13.69
CA GLN B 386 18.39 22.43 15.14
C GLN B 386 17.27 21.64 15.80
N THR B 387 16.09 21.61 15.17
CA THR B 387 14.98 20.81 15.71
C THR B 387 15.34 19.33 15.72
N TYR B 388 15.97 18.84 14.65
CA TYR B 388 16.38 17.44 14.61
C TYR B 388 17.38 17.13 15.71
N GLN B 389 18.37 18.00 15.90
CA GLN B 389 19.37 17.80 16.94
C GLN B 389 18.73 17.83 18.32
N ARG B 390 17.79 18.75 18.54
CA ARG B 390 17.12 18.84 19.84
C ARG B 390 16.30 17.59 20.12
N ILE B 391 15.61 17.06 19.11
CA ILE B 391 14.85 15.83 19.31
C ILE B 391 15.79 14.66 19.58
N HIS B 392 16.92 14.60 18.89
CA HIS B 392 17.90 13.55 19.15
C HIS B 392 18.40 13.60 20.58
N GLU B 393 18.73 14.80 21.07
CA GLU B 393 19.15 14.96 22.45
C GLU B 393 18.05 14.63 23.45
N LYS B 394 16.81 15.01 23.16
CA LYS B 394 15.68 14.70 24.03
C LYS B 394 15.35 13.21 24.05
N ILE B 395 15.74 12.46 23.02
CA ILE B 395 15.64 11.02 23.02
C ILE B 395 16.80 10.37 23.78
N GLN B 396 18.01 10.90 23.59
CA GLN B 396 19.16 10.38 24.32
C GLN B 396 18.97 10.53 25.82
N GLU B 397 18.48 11.71 26.26
CA GLU B 397 18.24 11.91 27.68
C GLU B 397 17.19 10.95 28.21
N ARG B 398 16.23 10.54 27.37
CA ARG B 398 15.22 9.58 27.79
C ARG B 398 15.76 8.15 27.83
N VAL B 399 16.73 7.82 26.99
CA VAL B 399 17.17 6.43 26.88
C VAL B 399 18.30 6.08 27.84
N MET B 400 19.19 7.03 28.16
CA MET B 400 20.26 6.72 29.11
C MET B 400 19.69 6.44 30.50
N ASN B 401 18.71 7.22 30.93
CA ASN B 401 17.98 6.87 32.14
C ASN B 401 17.17 5.60 31.88
N ASN B 402 17.10 4.74 32.89
CA ASN B 402 16.54 3.40 32.71
C ASN B 402 15.01 3.49 32.64
N LEU B 403 14.53 3.88 31.47
CA LEU B 403 13.10 3.83 31.16
C LEU B 403 12.96 3.68 29.66
N GLY B 404 12.33 2.58 29.22
CA GLY B 404 12.24 2.28 27.82
C GLY B 404 13.60 1.86 27.24
N THR B 405 13.61 1.70 25.93
CA THR B 405 14.83 1.38 25.19
C THR B 405 14.88 2.30 23.97
N TRP B 406 15.84 2.02 23.08
CA TRP B 406 16.00 2.85 21.89
C TRP B 406 14.83 2.70 20.93
N ILE B 407 14.22 1.51 20.88
CA ILE B 407 13.15 1.27 19.94
C ILE B 407 11.84 1.93 20.36
N ASP B 408 11.68 2.28 21.63
CA ASP B 408 10.43 2.87 22.09
C ASP B 408 10.31 4.33 21.68
N TRP B 409 11.42 5.08 21.67
CA TRP B 409 11.41 6.51 21.41
C TRP B 409 11.81 6.83 19.97
N GLN B 410 11.42 5.99 19.01
CA GLN B 410 11.83 6.17 17.63
C GLN B 410 10.85 6.99 16.81
N TYR B 411 9.59 7.07 17.22
CA TYR B 411 8.57 7.74 16.42
C TYR B 411 8.72 9.26 16.43
N LEU B 412 9.54 9.82 17.32
CA LEU B 412 9.73 11.27 17.33
C LEU B 412 10.46 11.76 16.09
N GLN B 413 11.39 10.96 15.56
CA GLN B 413 12.03 11.32 14.31
C GLN B 413 11.02 11.33 13.16
N ASN B 414 10.12 10.34 13.14
CA ASN B 414 9.06 10.33 12.15
C ASN B 414 8.16 11.55 12.30
N ALA B 415 7.89 11.94 13.55
CA ALA B 415 7.13 13.17 13.79
C ALA B 415 7.83 14.37 13.19
N ALA B 416 9.14 14.51 13.44
CA ALA B 416 9.87 15.65 12.91
C ALA B 416 9.85 15.67 11.39
N LYS B 417 10.01 14.50 10.76
CA LYS B 417 9.96 14.44 9.30
C LYS B 417 8.58 14.82 8.78
N LEU B 418 7.53 14.37 9.46
CA LEU B 418 6.17 14.71 9.03
C LEU B 418 5.89 16.19 9.14
N LEU B 419 6.32 16.83 10.24
CA LEU B 419 6.17 18.27 10.36
C LEU B 419 6.94 19.01 9.27
N ALA B 420 8.16 18.57 8.97
CA ALA B 420 8.91 19.22 7.90
C ALA B 420 8.19 19.11 6.57
N LYS B 421 7.67 17.92 6.26
CA LYS B 421 6.95 17.71 5.00
C LYS B 421 5.70 18.58 4.93
N CYS B 422 4.93 18.63 6.02
CA CYS B 422 3.69 19.40 6.01
C CYS B 422 3.97 20.90 5.91
N ARG B 423 5.01 21.39 6.60
CA ARG B 423 5.38 22.79 6.45
C ARG B 423 5.81 23.10 5.02
N TYR B 424 6.56 22.20 4.40
CA TYR B 424 6.97 22.42 3.02
C TYR B 424 5.75 22.46 2.10
N THR B 425 4.75 21.60 2.37
CA THR B 425 3.54 21.64 1.57
C THR B 425 2.79 22.96 1.74
N LEU B 426 2.68 23.44 2.97
CA LEU B 426 1.98 24.72 3.20
C LEU B 426 2.70 25.87 2.53
N GLN B 427 4.03 25.91 2.61
CA GLN B 427 4.77 27.08 2.17
C GLN B 427 4.46 27.44 0.71
N TYR B 428 4.13 26.46 -0.11
CA TYR B 428 3.91 26.70 -1.54
C TYR B 428 2.45 26.80 -1.93
N THR B 429 1.52 26.71 -0.98
CA THR B 429 0.11 26.91 -1.30
C THR B 429 -0.31 28.37 -1.24
N TYR B 430 0.51 29.25 -0.68
CA TYR B 430 0.12 30.65 -0.53
C TYR B 430 0.27 31.42 -1.84
N PRO B 431 1.37 31.27 -2.60
CA PRO B 431 1.37 31.83 -3.95
C PRO B 431 0.26 31.28 -4.83
N TYR B 432 -0.13 30.02 -4.62
CA TYR B 432 -1.22 29.45 -5.39
C TYR B 432 -2.53 30.16 -5.09
N ALA B 433 -2.81 30.41 -3.81
CA ALA B 433 -4.07 31.05 -3.43
C ALA B 433 -4.07 32.54 -3.71
N TYR B 434 -2.90 33.17 -3.84
CA TYR B 434 -2.85 34.59 -4.14
C TYR B 434 -3.25 34.87 -5.58
N TYR B 435 -2.85 34.01 -6.51
CA TYR B 435 -3.20 34.14 -7.92
C TYR B 435 -4.39 33.25 -8.26
N MET B 436 -5.54 33.55 -7.66
CA MET B 436 -6.76 32.79 -7.91
C MET B 436 -7.92 33.74 -8.15
N GLU B 437 -8.84 33.31 -9.01
CA GLU B 437 -10.05 34.09 -9.25
C GLU B 437 -10.98 33.97 -8.06
N SER B 438 -11.50 35.10 -7.59
CA SER B 438 -12.35 35.11 -6.41
C SER B 438 -13.70 34.49 -6.74
N GLY B 439 -14.00 33.36 -6.11
CA GLY B 439 -15.25 32.68 -6.31
C GLY B 439 -15.55 31.69 -5.21
N PRO B 440 -16.46 30.75 -5.47
CA PRO B 440 -16.75 29.72 -4.46
C PRO B 440 -15.58 28.82 -4.14
N ARG B 441 -14.61 28.69 -5.05
CA ARG B 441 -13.52 27.74 -4.86
C ARG B 441 -12.44 28.29 -3.93
N LYS B 442 -12.14 29.59 -4.04
CA LYS B 442 -11.04 30.16 -3.26
C LYS B 442 -11.33 30.12 -1.76
N LYS B 443 -12.57 30.38 -1.37
CA LYS B 443 -12.91 30.41 0.05
C LYS B 443 -12.75 29.04 0.69
N LEU B 444 -13.20 27.99 0.00
CA LEU B 444 -13.05 26.64 0.52
C LEU B 444 -11.58 26.25 0.64
N PHE B 445 -10.78 26.64 -0.37
CA PHE B 445 -9.35 26.36 -0.32
C PHE B 445 -8.70 27.04 0.88
N GLU B 446 -9.03 28.31 1.11
CA GLU B 446 -8.44 29.03 2.23
C GLU B 446 -8.90 28.45 3.57
N TYR B 447 -10.16 27.99 3.63
CA TYR B 447 -10.65 27.35 4.85
C TYR B 447 -9.87 26.07 5.15
N GLN B 448 -9.64 25.25 4.13
CA GLN B 448 -8.86 24.02 4.33
C GLN B 448 -7.42 24.37 4.73
N GLN B 449 -6.86 25.41 4.11
CA GLN B 449 -5.51 25.85 4.46
C GLN B 449 -5.42 26.24 5.93
N ALA B 450 -6.40 27.00 6.42
CA ALA B 450 -6.41 27.41 7.82
C ALA B 450 -6.55 26.22 8.75
N GLN B 451 -7.41 25.26 8.40
CA GLN B 451 -7.53 24.05 9.20
C GLN B 451 -6.18 23.34 9.32
N LEU B 452 -5.50 23.18 8.19
CA LEU B 452 -4.21 22.48 8.20
C LEU B 452 -3.19 23.24 9.03
N GLU B 453 -3.20 24.58 8.95
CA GLU B 453 -2.31 25.38 9.76
C GLU B 453 -2.54 25.13 11.25
N ALA B 454 -3.81 25.12 11.66
CA ALA B 454 -4.13 24.89 13.06
C ALA B 454 -3.65 23.52 13.52
N GLU B 455 -3.84 22.49 12.69
CA GLU B 455 -3.44 21.16 13.11
C GLU B 455 -1.92 21.00 13.14
N ILE B 456 -1.21 21.67 12.24
CA ILE B 456 0.26 21.68 12.35
C ILE B 456 0.70 22.34 13.64
N ALA B 457 0.07 23.46 14.01
CA ALA B 457 0.42 24.10 15.27
C ALA B 457 0.20 23.15 16.44
N ASN B 458 -0.94 22.44 16.44
CA ASN B 458 -1.23 21.49 17.51
C ASN B 458 -0.17 20.40 17.59
N LEU B 459 0.17 19.80 16.46
CA LEU B 459 1.15 18.71 16.46
C LEU B 459 2.52 19.21 16.90
N SER B 460 2.93 20.39 16.42
CA SER B 460 4.22 20.94 16.80
C SER B 460 4.29 21.19 18.29
N TRP B 461 3.20 21.71 18.88
CA TRP B 461 3.18 21.87 20.32
C TRP B 461 3.27 20.51 21.03
N LYS B 462 2.58 19.50 20.51
CA LYS B 462 2.59 18.20 21.15
C LYS B 462 3.95 17.50 21.03
N VAL B 463 4.78 17.87 20.06
CA VAL B 463 6.05 17.18 19.86
C VAL B 463 7.19 17.95 20.52
N GLU B 464 7.37 19.20 20.12
CA GLU B 464 8.55 19.95 20.57
C GLU B 464 8.42 20.41 22.02
N ARG B 465 7.42 21.23 22.31
CA ARG B 465 7.26 21.82 23.65
C ARG B 465 6.27 21.00 24.47
N ALA B 466 6.67 19.76 24.73
CA ALA B 466 5.86 18.85 25.55
C ALA B 466 6.81 17.99 26.39
N ASP B 467 6.26 17.42 27.46
CA ASP B 467 7.07 16.66 28.41
C ASP B 467 6.65 15.21 28.34
N SER B 468 5.37 14.89 28.54
CA SER B 468 4.92 13.51 28.57
C SER B 468 4.34 13.13 27.22
N TYR B 469 4.94 12.13 26.57
CA TYR B 469 4.53 11.70 25.24
C TYR B 469 3.73 10.41 25.33
N ASP B 470 2.51 10.45 24.80
CA ASP B 470 1.69 9.27 24.64
C ASP B 470 1.59 8.91 23.16
N ARG B 471 1.75 7.64 22.85
CA ARG B 471 1.90 7.23 21.46
C ARG B 471 0.57 7.22 20.70
N GLY B 472 -0.53 6.86 21.36
CA GLY B 472 -1.81 6.86 20.66
C GLY B 472 -2.23 8.25 20.21
N ASP B 473 -2.15 9.22 21.11
CA ASP B 473 -2.52 10.59 20.76
C ASP B 473 -1.61 11.15 19.67
N LEU B 474 -0.30 10.90 19.80
CA LEU B 474 0.63 11.41 18.80
C LEU B 474 0.38 10.77 17.45
N GLU B 475 0.09 9.47 17.42
CA GLU B 475 -0.21 8.79 16.15
C GLU B 475 -1.48 9.35 15.53
N ASN B 476 -2.50 9.61 16.36
CA ASN B 476 -3.72 10.23 15.84
C ASN B 476 -3.42 11.59 15.21
N GLN B 477 -2.57 12.38 15.88
CA GLN B 477 -2.20 13.68 15.33
C GLN B 477 -1.46 13.53 14.00
N MET B 478 -0.55 12.56 13.91
CA MET B 478 0.15 12.31 12.66
C MET B 478 -0.83 11.99 11.55
N HIS B 479 -1.78 11.10 11.82
CA HIS B 479 -2.74 10.70 10.80
C HIS B 479 -3.59 11.88 10.34
N ILE B 480 -4.06 12.69 11.30
CA ILE B 480 -4.89 13.84 10.94
C ILE B 480 -4.09 14.82 10.08
N ALA B 481 -2.85 15.11 10.47
CA ALA B 481 -2.04 16.05 9.70
C ALA B 481 -1.78 15.54 8.30
N GLU B 482 -1.46 14.25 8.15
CA GLU B 482 -1.21 13.70 6.83
C GLU B 482 -2.47 13.74 5.97
N GLN B 483 -3.63 13.43 6.56
CA GLN B 483 -4.89 13.50 5.81
C GLN B 483 -5.16 14.91 5.32
N ARG B 484 -4.92 15.91 6.19
CA ARG B 484 -5.18 17.28 5.77
C ARG B 484 -4.22 17.72 4.67
N ARG B 485 -2.95 17.31 4.76
CA ARG B 485 -2.00 17.64 3.70
C ARG B 485 -2.42 17.01 2.37
N ARG B 486 -2.84 15.74 2.43
CA ARG B 486 -3.30 15.07 1.20
C ARG B 486 -4.54 15.75 0.64
N THR B 487 -5.45 16.16 1.50
CA THR B 487 -6.65 16.88 1.05
C THR B 487 -6.27 18.19 0.37
N LEU B 488 -5.33 18.92 0.95
CA LEU B 488 -4.91 20.19 0.34
C LEU B 488 -4.28 19.96 -1.03
N LEU B 489 -3.48 18.91 -1.16
CA LEU B 489 -2.77 18.69 -2.42
C LEU B 489 -3.61 17.95 -3.46
N LYS B 490 -4.72 17.34 -3.07
CA LYS B 490 -5.43 16.43 -3.97
C LYS B 490 -6.12 17.16 -5.12
N ASP B 491 -6.70 18.34 -4.84
CA ASP B 491 -7.61 18.96 -5.82
C ASP B 491 -6.90 19.30 -7.11
N PHE B 492 -5.68 19.85 -7.03
CA PHE B 492 -5.00 20.33 -8.23
C PHE B 492 -4.39 19.17 -9.03
N HIS B 493 -3.46 18.45 -8.41
CA HIS B 493 -2.74 17.38 -9.09
C HIS B 493 -3.67 16.25 -9.51
N LYS C 26 -39.32 -32.21 2.27
CA LYS C 26 -38.47 -32.08 1.09
C LYS C 26 -37.00 -32.10 1.47
N MET C 27 -36.16 -32.63 0.58
CA MET C 27 -34.73 -32.66 0.80
C MET C 27 -34.17 -31.24 0.84
N PHE C 28 -33.14 -31.05 1.67
CA PHE C 28 -32.42 -29.78 1.78
C PHE C 28 -33.34 -28.65 2.24
N SER C 29 -33.91 -28.82 3.43
CA SER C 29 -34.68 -27.78 4.07
C SER C 29 -33.80 -26.98 5.02
N LEU C 30 -34.22 -25.74 5.28
CA LEU C 30 -33.44 -24.79 6.05
C LEU C 30 -33.85 -24.83 7.51
N LYS C 31 -32.88 -24.70 8.41
CA LYS C 31 -33.11 -24.73 9.84
C LYS C 31 -32.75 -23.42 10.53
N LYS C 32 -31.61 -22.84 10.22
CA LYS C 32 -31.16 -21.60 10.87
C LYS C 32 -30.40 -20.77 9.86
N TRP C 33 -30.58 -19.46 9.92
CA TRP C 33 -29.92 -18.53 9.01
C TRP C 33 -29.40 -17.33 9.78
N ASN C 34 -28.27 -16.79 9.31
CA ASN C 34 -27.61 -15.64 9.93
C ASN C 34 -27.38 -14.58 8.86
N ALA C 35 -28.34 -13.68 8.68
CA ALA C 35 -28.21 -12.65 7.67
C ALA C 35 -27.20 -11.59 8.09
N VAL C 36 -26.54 -10.99 7.09
CA VAL C 36 -25.58 -9.92 7.32
C VAL C 36 -25.84 -8.81 6.31
N ALA C 37 -25.96 -7.58 6.79
CA ALA C 37 -26.23 -6.44 5.93
C ALA C 37 -25.33 -5.28 6.33
N MET C 38 -25.07 -4.40 5.37
CA MET C 38 -24.21 -3.25 5.58
C MET C 38 -24.95 -1.98 5.18
N TRP C 39 -24.92 -0.98 6.07
CA TRP C 39 -25.67 0.25 5.85
C TRP C 39 -24.74 1.39 5.45
N SER C 40 -25.30 2.33 4.68
CA SER C 40 -24.57 3.51 4.25
C SER C 40 -25.55 4.65 4.03
N TRP C 41 -25.03 5.87 4.05
CA TRP C 41 -25.86 7.04 3.85
C TRP C 41 -26.41 7.09 2.42
N ASP C 42 -27.70 7.39 2.29
CA ASP C 42 -28.34 7.48 0.98
C ASP C 42 -28.10 8.88 0.40
N VAL C 43 -26.86 9.09 -0.04
CA VAL C 43 -26.40 10.38 -0.51
C VAL C 43 -25.77 10.21 -1.89
N GLU C 44 -25.25 11.31 -2.43
CA GLU C 44 -24.57 11.31 -3.71
C GLU C 44 -23.21 11.99 -3.56
N CYS C 45 -22.32 11.67 -4.50
CA CYS C 45 -20.99 12.25 -4.61
C CYS C 45 -20.04 11.72 -3.54
N ASP C 46 -20.58 10.97 -2.56
CA ASP C 46 -19.82 10.24 -1.56
C ASP C 46 -18.60 10.97 -1.02
N THR C 47 -18.74 12.28 -0.74
CA THR C 47 -17.61 13.07 -0.27
C THR C 47 -18.14 14.33 0.38
N CYS C 48 -17.61 14.66 1.56
CA CYS C 48 -18.07 15.84 2.27
C CYS C 48 -17.66 17.14 1.57
N ALA C 49 -16.58 17.09 0.77
CA ALA C 49 -16.12 18.24 -0.02
C ALA C 49 -15.61 19.38 0.85
N ILE C 50 -15.66 19.21 2.17
CA ILE C 50 -15.02 20.13 3.10
C ILE C 50 -13.75 19.53 3.68
N CYS C 51 -13.83 18.29 4.16
CA CYS C 51 -12.67 17.54 4.58
C CYS C 51 -12.25 16.48 3.56
N ARG C 52 -13.03 16.29 2.50
CA ARG C 52 -12.77 15.33 1.44
C ARG C 52 -12.71 13.89 1.95
N VAL C 53 -13.28 13.63 3.11
CA VAL C 53 -13.39 12.28 3.65
C VAL C 53 -14.70 11.69 3.15
N GLN C 54 -14.68 10.41 2.80
CA GLN C 54 -15.89 9.76 2.30
C GLN C 54 -16.98 9.78 3.36
N VAL C 55 -18.22 9.95 2.89
CA VAL C 55 -19.35 10.19 3.78
C VAL C 55 -19.59 8.99 4.69
N MET C 56 -19.38 7.78 4.18
CA MET C 56 -19.67 6.57 4.95
C MET C 56 -18.81 6.49 6.21
N ASP C 57 -17.67 7.16 6.25
CA ASP C 57 -16.82 7.17 7.44
C ASP C 57 -17.29 8.28 8.38
N ALA C 58 -16.49 8.56 9.40
CA ALA C 58 -16.73 9.67 10.32
C ALA C 58 -15.70 10.76 10.08
N CYS C 59 -16.06 11.98 10.45
CA CYS C 59 -15.15 13.10 10.27
C CYS C 59 -13.92 12.92 11.16
N LEU C 60 -12.84 13.61 10.79
CA LEU C 60 -11.55 13.36 11.42
C LEU C 60 -11.58 13.65 12.91
N ARG C 61 -12.21 14.76 13.30
CA ARG C 61 -12.26 15.12 14.72
C ARG C 61 -13.03 14.08 15.53
N CYS C 62 -14.19 13.66 15.03
CA CYS C 62 -14.97 12.64 15.72
C CYS C 62 -14.19 11.33 15.82
N GLN C 63 -13.54 10.93 14.73
CA GLN C 63 -12.79 9.69 14.72
C GLN C 63 -11.64 9.72 15.71
N ALA C 64 -10.93 10.86 15.80
CA ALA C 64 -9.86 10.99 16.77
C ALA C 64 -10.39 10.98 18.20
N GLU C 65 -11.47 11.72 18.45
CA GLU C 65 -12.02 11.84 19.80
C GLU C 65 -12.79 10.60 20.24
N ASN C 66 -13.01 9.64 19.35
CA ASN C 66 -13.61 8.33 19.60
C ASN C 66 -15.12 8.42 19.82
N LYS C 67 -15.72 9.61 19.74
CA LYS C 67 -17.17 9.76 19.87
C LYS C 67 -17.81 9.32 18.55
N GLN C 68 -17.87 8.01 18.36
CA GLN C 68 -18.40 7.44 17.13
C GLN C 68 -19.92 7.36 17.18
N GLU C 69 -20.51 7.19 16.00
CA GLU C 69 -21.94 7.06 15.76
C GLU C 69 -22.70 8.36 16.03
N ASP C 70 -22.04 9.39 16.52
CA ASP C 70 -22.67 10.69 16.74
C ASP C 70 -22.41 11.67 15.60
N CYS C 71 -21.75 11.23 14.54
CA CYS C 71 -21.41 12.08 13.40
C CYS C 71 -22.34 11.72 12.25
N VAL C 72 -23.20 12.67 11.87
CA VAL C 72 -24.27 12.39 10.91
C VAL C 72 -24.15 13.29 9.70
N VAL C 73 -25.09 13.17 8.77
CA VAL C 73 -25.04 13.85 7.48
C VAL C 73 -26.26 14.76 7.35
N VAL C 74 -26.02 16.00 6.94
CA VAL C 74 -27.09 16.96 6.71
C VAL C 74 -27.25 17.16 5.21
N TRP C 75 -28.48 17.47 4.81
CA TRP C 75 -28.79 17.77 3.43
C TRP C 75 -29.12 19.26 3.29
N GLY C 76 -29.41 19.69 2.07
CA GLY C 76 -29.74 21.07 1.82
C GLY C 76 -30.72 21.21 0.67
N GLU C 77 -31.39 22.36 0.64
CA GLU C 77 -32.34 22.64 -0.44
C GLU C 77 -31.65 22.70 -1.79
N CYS C 78 -30.35 22.97 -1.82
CA CYS C 78 -29.56 22.90 -3.05
C CYS C 78 -29.14 21.48 -3.41
N ASN C 79 -29.61 20.49 -2.65
CA ASN C 79 -29.31 19.07 -2.88
C ASN C 79 -27.80 18.82 -2.81
N HIS C 80 -27.23 19.20 -1.67
CA HIS C 80 -25.82 18.95 -1.37
C HIS C 80 -25.69 18.39 0.03
N SER C 81 -24.84 17.40 0.19
CA SER C 81 -24.68 16.68 1.46
C SER C 81 -23.32 16.96 2.06
N PHE C 82 -23.28 17.07 3.38
CA PHE C 82 -22.05 17.33 4.11
C PHE C 82 -22.11 16.60 5.45
N HIS C 83 -21.00 16.65 6.18
CA HIS C 83 -21.03 16.23 7.58
C HIS C 83 -21.75 17.28 8.41
N ASN C 84 -22.37 16.82 9.50
CA ASN C 84 -23.00 17.77 10.42
C ASN C 84 -21.95 18.66 11.09
N CYS C 85 -20.83 18.08 11.50
CA CYS C 85 -19.79 18.85 12.18
C CYS C 85 -19.16 19.88 11.26
N CYS C 86 -18.76 19.45 10.06
CA CYS C 86 -18.13 20.36 9.11
C CYS C 86 -19.07 21.48 8.72
N MET C 87 -20.35 21.15 8.50
CA MET C 87 -21.31 22.18 8.13
C MET C 87 -21.59 23.13 9.28
N SER C 88 -21.60 22.62 10.51
CA SER C 88 -21.75 23.50 11.67
C SER C 88 -20.59 24.50 11.76
N LEU C 89 -19.37 24.01 11.54
CA LEU C 89 -18.23 24.94 11.54
C LEU C 89 -18.35 25.94 10.40
N TRP C 90 -18.77 25.50 9.22
CA TRP C 90 -18.90 26.41 8.09
C TRP C 90 -19.96 27.47 8.34
N VAL C 91 -21.10 27.10 8.92
CA VAL C 91 -22.14 28.10 9.18
C VAL C 91 -21.69 29.03 10.30
N LYS C 92 -20.88 28.54 11.24
CA LYS C 92 -20.24 29.44 12.19
C LYS C 92 -19.33 30.43 11.46
N GLN C 93 -18.74 30.01 10.34
CA GLN C 93 -17.98 30.95 9.52
C GLN C 93 -18.90 31.88 8.74
N ASN C 94 -19.74 31.33 7.87
CA ASN C 94 -20.69 32.13 7.10
C ASN C 94 -21.85 31.23 6.69
N ASN C 95 -22.96 31.87 6.33
CA ASN C 95 -24.19 31.15 6.00
C ASN C 95 -24.38 31.11 4.49
N ARG C 96 -23.74 30.11 3.87
CA ARG C 96 -23.86 29.87 2.44
C ARG C 96 -23.24 28.52 2.12
N CYS C 97 -23.82 27.81 1.16
CA CYS C 97 -23.28 26.52 0.77
C CYS C 97 -21.91 26.69 0.11
N PRO C 98 -20.90 25.93 0.53
CA PRO C 98 -19.57 26.07 -0.09
C PRO C 98 -19.52 25.59 -1.53
N LEU C 99 -20.47 24.77 -1.97
CA LEU C 99 -20.49 24.27 -3.34
C LEU C 99 -21.20 25.24 -4.28
N CYS C 100 -22.47 25.53 -4.00
CA CYS C 100 -23.25 26.50 -4.76
C CYS C 100 -23.51 27.70 -3.87
N GLN C 101 -23.25 28.90 -4.40
CA GLN C 101 -23.36 30.12 -3.60
C GLN C 101 -24.84 30.49 -3.40
N GLN C 102 -25.50 29.69 -2.57
CA GLN C 102 -26.88 29.90 -2.19
C GLN C 102 -26.99 29.85 -0.67
N ASP C 103 -27.97 30.57 -0.14
CA ASP C 103 -28.16 30.61 1.31
C ASP C 103 -28.46 29.21 1.83
N TRP C 104 -27.81 28.83 2.93
CA TRP C 104 -27.92 27.49 3.45
C TRP C 104 -29.22 27.34 4.23
N VAL C 105 -30.08 26.44 3.76
CA VAL C 105 -31.33 26.09 4.45
C VAL C 105 -31.32 24.57 4.64
N VAL C 106 -31.41 24.15 5.90
CA VAL C 106 -31.35 22.73 6.21
C VAL C 106 -32.63 22.07 5.74
N GLN C 107 -32.51 21.10 4.83
CA GLN C 107 -33.68 20.38 4.35
C GLN C 107 -34.06 19.25 5.31
N ARG C 108 -33.11 18.38 5.63
CA ARG C 108 -33.36 17.29 6.55
C ARG C 108 -32.03 16.84 7.16
N ILE C 109 -32.12 16.17 8.30
CA ILE C 109 -30.97 15.64 9.01
C ILE C 109 -30.99 14.13 8.88
N GLY C 110 -29.81 13.53 8.76
CA GLY C 110 -29.70 12.09 8.66
C GLY C 110 -30.34 11.37 9.83
N LYS C 111 -29.75 11.51 11.01
CA LYS C 111 -30.30 10.90 12.22
C LYS C 111 -29.68 11.52 13.46
N MET D 3 -17.24 -31.19 -35.74
CA MET D 3 -17.79 -30.41 -34.64
C MET D 3 -19.13 -30.99 -34.21
N LEU D 4 -19.24 -31.33 -32.92
CA LEU D 4 -20.35 -32.13 -32.40
C LEU D 4 -21.00 -31.37 -31.25
N ILE D 5 -22.13 -30.70 -31.52
CA ILE D 5 -22.73 -29.79 -30.56
C ILE D 5 -24.04 -30.34 -30.02
N LYS D 6 -24.66 -29.59 -29.11
CA LYS D 6 -25.73 -30.09 -28.26
C LYS D 6 -26.84 -29.05 -28.20
N VAL D 7 -28.09 -29.47 -28.38
CA VAL D 7 -29.23 -28.55 -28.45
C VAL D 7 -30.32 -29.00 -27.49
N LYS D 8 -30.78 -28.07 -26.64
CA LYS D 8 -31.64 -28.37 -25.50
C LYS D 8 -33.07 -27.92 -25.76
N THR D 9 -34.04 -28.70 -25.27
CA THR D 9 -35.46 -28.40 -25.36
C THR D 9 -36.01 -28.04 -23.99
N LEU D 10 -37.33 -27.76 -23.95
CA LEU D 10 -37.96 -27.37 -22.69
C LEU D 10 -38.04 -28.54 -21.72
N THR D 11 -38.49 -29.70 -22.18
CA THR D 11 -38.74 -30.82 -21.28
C THR D 11 -37.48 -31.39 -20.66
N GLY D 12 -36.30 -31.01 -21.15
CA GLY D 12 -35.05 -31.56 -20.69
C GLY D 12 -34.47 -32.61 -21.61
N LYS D 13 -35.22 -33.06 -22.60
CA LYS D 13 -34.68 -34.00 -23.58
C LYS D 13 -33.57 -33.34 -24.38
N GLU D 14 -32.56 -34.13 -24.74
CA GLU D 14 -31.38 -33.62 -25.40
C GLU D 14 -31.27 -34.23 -26.80
N ILE D 15 -30.84 -33.41 -27.75
CA ILE D 15 -30.61 -33.82 -29.13
C ILE D 15 -29.16 -33.51 -29.48
N GLU D 16 -28.46 -34.49 -30.04
CA GLU D 16 -27.05 -34.36 -30.35
C GLU D 16 -26.86 -34.33 -31.86
N ILE D 17 -26.14 -33.33 -32.35
CA ILE D 17 -25.90 -33.16 -33.78
C ILE D 17 -24.43 -32.89 -34.02
N ASP D 18 -23.97 -33.20 -35.23
CA ASP D 18 -22.60 -32.94 -35.65
C ASP D 18 -22.64 -31.91 -36.77
N ILE D 19 -21.85 -30.84 -36.63
CA ILE D 19 -21.82 -29.77 -37.62
C ILE D 19 -20.39 -29.49 -38.02
N GLU D 20 -20.19 -28.45 -38.83
CA GLU D 20 -18.89 -27.95 -39.23
C GLU D 20 -18.73 -26.51 -38.75
N PRO D 21 -17.49 -26.04 -38.58
CA PRO D 21 -17.30 -24.63 -38.22
C PRO D 21 -17.88 -23.67 -39.24
N THR D 22 -17.87 -24.04 -40.52
CA THR D 22 -18.43 -23.21 -41.58
C THR D 22 -19.92 -23.43 -41.77
N ASP D 23 -20.55 -24.28 -40.96
CA ASP D 23 -21.97 -24.56 -41.12
C ASP D 23 -22.81 -23.33 -40.81
N LYS D 24 -23.73 -23.02 -41.72
CA LYS D 24 -24.72 -21.98 -41.44
C LYS D 24 -25.75 -22.50 -40.45
N VAL D 25 -26.20 -21.62 -39.54
CA VAL D 25 -27.12 -22.04 -38.49
C VAL D 25 -28.44 -22.56 -39.05
N GLU D 26 -28.82 -22.14 -40.25
CA GLU D 26 -29.99 -22.72 -40.89
C GLU D 26 -29.84 -24.23 -41.05
N ARG D 27 -28.70 -24.67 -41.59
CA ARG D 27 -28.45 -26.09 -41.72
C ARG D 27 -28.52 -26.78 -40.37
N ILE D 28 -28.15 -26.08 -39.29
CA ILE D 28 -28.38 -26.63 -37.95
C ILE D 28 -29.87 -26.86 -37.74
N LYS D 29 -30.71 -25.90 -38.17
CA LYS D 29 -32.15 -26.12 -38.07
C LYS D 29 -32.60 -27.36 -38.85
N GLU D 30 -32.19 -27.49 -40.11
CA GLU D 30 -32.61 -28.69 -40.86
C GLU D 30 -32.05 -29.97 -40.25
N ARG D 31 -30.91 -29.90 -39.57
CA ARG D 31 -30.48 -31.07 -38.80
C ARG D 31 -31.48 -31.36 -37.68
N VAL D 32 -31.97 -30.31 -37.02
CA VAL D 32 -32.99 -30.50 -35.99
C VAL D 32 -34.23 -31.17 -36.59
N GLU D 33 -34.64 -30.76 -37.80
CA GLU D 33 -35.83 -31.37 -38.39
C GLU D 33 -35.57 -32.80 -38.85
N GLU D 34 -34.36 -33.11 -39.33
CA GLU D 34 -34.15 -34.51 -39.68
C GLU D 34 -34.01 -35.37 -38.44
N LYS D 35 -33.79 -34.76 -37.28
CA LYS D 35 -33.83 -35.51 -36.02
C LYS D 35 -35.22 -35.51 -35.39
N GLU D 36 -35.87 -34.35 -35.31
CA GLU D 36 -37.16 -34.21 -34.64
C GLU D 36 -38.17 -33.55 -35.59
N GLY D 37 -39.45 -33.76 -35.30
CA GLY D 37 -40.50 -33.35 -36.22
C GLY D 37 -41.02 -31.93 -36.06
N ILE D 38 -40.25 -31.07 -35.40
CA ILE D 38 -40.65 -29.68 -35.20
C ILE D 38 -40.27 -28.84 -36.42
N PRO D 39 -41.21 -28.09 -37.01
CA PRO D 39 -40.92 -27.36 -38.24
C PRO D 39 -39.97 -26.20 -38.00
N PRO D 40 -39.24 -25.76 -39.04
CA PRO D 40 -38.29 -24.66 -38.87
C PRO D 40 -38.93 -23.35 -38.44
N GLN D 41 -40.15 -23.07 -38.90
CA GLN D 41 -40.80 -21.82 -38.56
C GLN D 41 -41.09 -21.70 -37.07
N GLN D 42 -41.16 -22.82 -36.36
CA GLN D 42 -41.41 -22.83 -34.93
C GLN D 42 -40.13 -22.93 -34.10
N GLN D 43 -38.96 -22.90 -34.74
CA GLN D 43 -37.69 -23.08 -34.06
C GLN D 43 -37.03 -21.72 -33.83
N ARG D 44 -36.88 -21.36 -32.56
CA ARG D 44 -36.04 -20.23 -32.16
C ARG D 44 -34.86 -20.81 -31.38
N LEU D 45 -33.65 -20.54 -31.85
CA LEU D 45 -32.45 -21.06 -31.22
C LEU D 45 -31.74 -19.92 -30.51
N ILE D 46 -31.39 -20.13 -29.25
CA ILE D 46 -30.79 -19.10 -28.42
C ILE D 46 -29.49 -19.64 -27.82
N TYR D 47 -28.42 -18.86 -27.95
CA TYR D 47 -27.12 -19.19 -27.38
C TYR D 47 -26.60 -18.00 -26.61
N SER D 48 -26.22 -18.22 -25.35
CA SER D 48 -25.73 -17.16 -24.46
C SER D 48 -26.75 -16.02 -24.36
N GLY D 49 -28.03 -16.36 -24.28
CA GLY D 49 -29.07 -15.36 -24.15
C GLY D 49 -29.34 -14.55 -25.40
N LYS D 50 -28.80 -14.96 -26.55
CA LYS D 50 -28.95 -14.22 -27.79
C LYS D 50 -29.64 -15.09 -28.83
N GLN D 51 -30.65 -14.54 -29.47
CA GLN D 51 -31.30 -15.23 -30.58
C GLN D 51 -30.42 -15.16 -31.82
N MET D 52 -30.17 -16.31 -32.44
CA MET D 52 -29.39 -16.35 -33.67
C MET D 52 -30.25 -15.99 -34.88
N ASN D 53 -29.76 -15.08 -35.69
CA ASN D 53 -30.40 -14.77 -36.96
C ASN D 53 -30.16 -15.90 -37.96
N ASP D 54 -31.04 -15.99 -38.95
CA ASP D 54 -30.97 -17.07 -39.93
C ASP D 54 -29.65 -17.02 -40.70
N GLU D 55 -29.31 -15.85 -41.26
CA GLU D 55 -28.09 -15.73 -42.06
C GLU D 55 -26.91 -15.52 -41.11
N LYS D 56 -26.21 -16.62 -40.83
CA LYS D 56 -25.00 -16.57 -40.02
C LYS D 56 -24.36 -17.95 -39.99
N THR D 57 -23.03 -17.96 -39.89
CA THR D 57 -22.26 -19.17 -39.68
C THR D 57 -22.16 -19.47 -38.20
N ALA D 58 -22.03 -20.76 -37.87
CA ALA D 58 -21.92 -21.15 -36.47
C ALA D 58 -20.69 -20.53 -35.82
N ALA D 59 -19.56 -20.56 -36.51
CA ALA D 59 -18.33 -19.99 -35.95
C ALA D 59 -18.45 -18.50 -35.67
N ASP D 60 -19.39 -17.81 -36.33
CA ASP D 60 -19.59 -16.39 -36.05
C ASP D 60 -20.25 -16.15 -34.70
N TYR D 61 -20.91 -17.16 -34.14
CA TYR D 61 -21.52 -17.06 -32.83
C TYR D 61 -20.64 -17.64 -31.73
N LYS D 62 -19.37 -17.91 -32.03
CA LYS D 62 -18.39 -18.38 -31.05
C LYS D 62 -18.86 -19.66 -30.34
N ILE D 63 -19.46 -20.56 -31.10
CA ILE D 63 -19.84 -21.86 -30.57
C ILE D 63 -18.66 -22.81 -30.68
N LEU D 64 -18.47 -23.63 -29.66
CA LEU D 64 -17.35 -24.56 -29.58
C LEU D 64 -17.89 -25.99 -29.59
N GLY D 65 -17.00 -26.95 -29.35
CA GLY D 65 -17.34 -28.35 -29.42
C GLY D 65 -18.52 -28.77 -28.58
N GLY D 66 -18.37 -28.72 -27.25
CA GLY D 66 -19.39 -29.23 -26.36
C GLY D 66 -20.44 -28.22 -25.96
N SER D 67 -20.56 -27.14 -26.73
CA SER D 67 -21.51 -26.08 -26.41
C SER D 67 -22.94 -26.61 -26.48
N VAL D 68 -23.81 -26.00 -25.68
CA VAL D 68 -25.21 -26.39 -25.58
C VAL D 68 -26.07 -25.27 -26.14
N LEU D 69 -26.97 -25.61 -27.05
CA LEU D 69 -27.92 -24.67 -27.63
C LEU D 69 -29.28 -24.86 -27.00
N HIS D 70 -30.05 -23.77 -26.93
CA HIS D 70 -31.37 -23.78 -26.33
C HIS D 70 -32.41 -23.57 -27.42
N LEU D 71 -33.39 -24.47 -27.47
CA LEU D 71 -34.45 -24.43 -28.47
C LEU D 71 -35.74 -23.99 -27.80
N VAL D 72 -36.25 -22.82 -28.20
CA VAL D 72 -37.46 -22.24 -27.64
C VAL D 72 -38.51 -22.16 -28.74
N LEU D 73 -39.70 -22.68 -28.45
CA LEU D 73 -40.78 -22.68 -29.43
C LEU D 73 -41.22 -21.26 -29.76
N ALA D 74 -41.67 -21.08 -31.00
CA ALA D 74 -42.34 -19.84 -31.36
C ALA D 74 -43.67 -19.74 -30.62
N LEU D 75 -44.03 -18.51 -30.25
CA LEU D 75 -45.15 -18.33 -29.34
C LEU D 75 -46.50 -18.51 -30.05
N ARG D 76 -46.78 -17.66 -31.04
CA ARG D 76 -48.06 -17.74 -31.74
C ARG D 76 -48.12 -18.92 -32.71
N GLY D 77 -46.96 -19.32 -33.26
CA GLY D 77 -46.94 -20.44 -34.19
C GLY D 77 -47.28 -21.77 -33.57
N GLY D 78 -47.17 -21.90 -32.25
CA GLY D 78 -47.46 -23.14 -31.57
C GLY D 78 -48.65 -23.04 -30.62
ZN ZN E . 8.35 23.59 -12.36
ZN ZN F . 36.15 33.86 -46.70
ZN ZN G . 22.88 15.41 -8.91
ZN ZN H . 22.89 29.65 -46.27
ZN ZN I . -16.75 16.52 6.43
ZN ZN J . -18.05 14.47 13.34
ZN ZN K . -25.35 23.74 -2.24
#